data_6TUY
#
_entry.id   6TUY
#
_cell.length_a   121.578
_cell.length_b   176.862
_cell.length_c   233.495
_cell.angle_alpha   90.000
_cell.angle_beta   90.000
_cell.angle_gamma   90.000
#
_symmetry.space_group_name_H-M   'I 2 2 2'
#
loop_
_entity.id
_entity.type
_entity.pdbx_description
1 polymer 'Lysine-specific histone demethylase 1A'
2 polymer 'REST corepressor 1'
3 non-polymer 'FLAVIN-ADENINE DINUCLEOTIDE'
4 non-polymer ~{N}2-[3-(dimethylamino)propyl]-6,7-dimethoxy-~{N}4-[1-(naphthalen-2-ylmethyl)piperidin-4-yl]quinazoline-2,4-diamine
5 non-polymer 'PHOSPHATE ION'
6 non-polymer 'CHLORIDE ION'
7 non-polymer GLYCEROL
8 non-polymer 'DIMETHYL SULFOXIDE'
9 water water
#
loop_
_entity_poly.entity_id
_entity_poly.type
_entity_poly.pdbx_seq_one_letter_code
_entity_poly.pdbx_strand_id
1 'polypeptide(L)'
;MLSGKKAAAAAAAAAAAATGTEAGPGTAGGSENGSEVAAQPAGLSGPAEVGPGAVGERTPRKKEPPRASPPGGLAEPPGS
AGPQAGPTVVPGSATPMETGIAETPEGRRTSRRKRAKVEYREMDESLANLSEDEYYSEEERNAKAEKEKKLPPPPPQAPP
EEENESEPEEPSGVEGAAFQSRLPHDRMTSQEAACFPDIISGPQQTQKVFLFIRNRTLQLWLDNPKIQLTFEATLQQLEA
PYNSDTVLVHRVHSYLERHGLINFGIYKRIKPLPTKKTGKVIIIGSGVSGLAAARQLQSFGMDVTLLEARDRVGGRVATF
RKGNYVADLGAMVVTGLGGNPMAVVSKQVNMELAKIKQKCPLYEANGQAVPKEKDEMVEQEFNRLLEATSYLSHQLDFNV
LNNKPVSLGQALEVVIQLQEKHVKDEQIEHWKKIVKTQEELKELLNKMVNLKEKIKELHQQYKEASEVKPPRDITAEFLV
KSKHRDLTALCKEYDELAETQGKLEEKLQELEANPPSDVYLSSRDRQILDWHFANLEFANATPLSTLSLKHWDQDDDFEF
TGSHLTVRNGYSCVPVALAEGLDIKLNTAVRQVRYTASGCEVIAVNTRSTSQTFIYKCDAVLCTLPLGVLKQQPPAVQFV
PPLPEWKTSAVQRMGFGNLNKVVLCFDRVFWDPSVNLFGHVGSTTASRGELFLFWNLYKAPILLALVAGEAAGIMENISD
DVIVGRCLAILKGIFGSSAVPQPKETVVSRWRADPWARGSYSYVAAGSSGNDYDLMAQPITPGPSIPGAPQPIPRLFFAG
EHTIRNYPATVHGALLSGLREAGRIADQFLGAMYTLPRQATPGVPAQQSPSMP
;
A
2 'polypeptide(L)'
;MPAMVEKGPEVSGKRRGRNNAAASASAAAASAAASAACASPAATAASGAAASSASAAAASAAAAPNNGQNKSLAAAAPNG
NSSSNSWEEGSSGSSSDEEHGGGGMRVGPQYQAVVPDFDPAKLARRSQERDNLGMLVWSPNQNLSEAKLDEYIAIAKEKH
GYNMEQALGMLFWHKHNIEKSLADLPNFTPFPDEWTVEDKVLFEQAFSFHGKTFHRIQQMLPDKSIASLVKFYYSWKKTR
TKTSVMDRHARKQKREREESEDELEEANGNNPIDIEVDQNKESKKEVPPTETVPQVKKEKHSTQAKNRAKRKPPKGMFLS
QEDVEAVSANATAATTVLRQLDMELVSVKRQIQNIKQTNSALKEKLDGGIEPYRLPEVIQKCNARWTTEEQLLAVQAIRK
YGRDFQAISDVIGNKSVVQVKNFFVNYRRRFNIDEVLQEWEAEHGKEETNGPSNQKPVKSPDNSIKMPEEEDEAPVLDVR
YASAS
;
B
#
# COMPACT_ATOMS: atom_id res chain seq x y z
N PRO A 171 -7.06 0.76 -27.17
CA PRO A 171 -7.12 0.45 -28.61
C PRO A 171 -7.37 1.69 -29.53
N SER A 172 -7.58 1.47 -30.86
CA SER A 172 -8.37 2.42 -31.73
C SER A 172 -9.07 1.86 -33.07
N GLY A 173 -9.67 2.78 -33.85
CA GLY A 173 -10.65 2.46 -34.90
C GLY A 173 -12.06 2.37 -34.32
N VAL A 174 -12.79 1.29 -34.62
CA VAL A 174 -14.06 1.07 -33.95
C VAL A 174 -13.71 0.53 -32.61
N GLU A 175 -12.63 -0.24 -32.49
CA GLU A 175 -12.30 -0.87 -31.18
C GLU A 175 -12.02 0.20 -30.10
N GLY A 176 -11.70 1.42 -30.52
CA GLY A 176 -11.34 2.49 -29.61
C GLY A 176 -12.51 3.14 -29.00
N ALA A 177 -13.46 3.47 -29.88
CA ALA A 177 -14.83 3.82 -29.48
C ALA A 177 -15.44 2.93 -28.37
N ALA A 178 -15.29 1.60 -28.46
CA ALA A 178 -15.72 0.72 -27.32
C ALA A 178 -15.02 1.05 -25.99
N PHE A 179 -13.70 1.11 -26.06
CA PHE A 179 -12.87 1.36 -24.92
C PHE A 179 -13.19 2.77 -24.35
N GLN A 180 -13.40 3.70 -25.26
CA GLN A 180 -13.68 5.07 -24.89
C GLN A 180 -15.12 5.24 -24.32
N SER A 181 -15.94 4.23 -24.51
CA SER A 181 -17.27 4.13 -23.91
C SER A 181 -17.33 3.13 -22.71
N ARG A 182 -16.18 2.80 -22.16
CA ARG A 182 -16.01 1.74 -21.14
C ARG A 182 -16.64 0.43 -21.47
N LEU A 183 -16.56 0.02 -22.74
CA LEU A 183 -17.08 -1.30 -23.14
C LEU A 183 -16.05 -2.16 -23.80
N PRO A 184 -16.18 -3.48 -23.61
CA PRO A 184 -15.33 -4.44 -24.28
C PRO A 184 -15.70 -4.60 -25.74
N HIS A 185 -14.85 -4.13 -26.67
CA HIS A 185 -15.12 -4.17 -28.13
C HIS A 185 -15.56 -5.55 -28.73
N ASP A 186 -15.31 -6.65 -28.03
CA ASP A 186 -15.43 -7.99 -28.63
C ASP A 186 -16.38 -8.91 -27.87
N ARG A 187 -17.15 -8.36 -26.94
CA ARG A 187 -18.10 -9.14 -26.09
C ARG A 187 -19.32 -8.24 -25.83
N MET A 188 -20.44 -8.93 -25.65
CA MET A 188 -21.67 -8.25 -25.35
C MET A 188 -21.71 -8.21 -23.84
N THR A 189 -22.09 -7.02 -23.31
CA THR A 189 -22.23 -6.80 -21.86
C THR A 189 -23.46 -7.50 -21.29
N SER A 190 -23.60 -7.52 -19.97
CA SER A 190 -24.88 -7.93 -19.33
C SER A 190 -26.12 -7.12 -19.78
N GLN A 191 -25.95 -5.81 -19.94
CA GLN A 191 -27.06 -4.96 -20.33
C GLN A 191 -27.47 -5.32 -21.72
N GLU A 192 -26.49 -5.52 -22.57
CA GLU A 192 -26.76 -5.93 -23.93
C GLU A 192 -27.47 -7.29 -23.97
N ALA A 193 -26.99 -8.22 -23.19
CA ALA A 193 -27.69 -9.48 -23.12
C ALA A 193 -29.18 -9.35 -22.81
N ALA A 194 -29.50 -8.37 -22.01
CA ALA A 194 -30.80 -8.37 -21.40
C ALA A 194 -31.75 -7.68 -22.34
N CYS A 195 -31.28 -6.62 -22.99
CA CYS A 195 -31.89 -6.03 -24.16
C CYS A 195 -31.87 -6.77 -25.52
N PHE A 196 -31.03 -7.79 -25.68
CA PHE A 196 -30.79 -8.42 -26.98
C PHE A 196 -30.58 -9.90 -26.73
N PRO A 197 -31.49 -10.47 -25.99
CA PRO A 197 -31.31 -11.92 -25.71
C PRO A 197 -31.30 -12.72 -26.96
N ASP A 198 -32.12 -12.33 -27.94
CA ASP A 198 -32.19 -13.05 -29.23
C ASP A 198 -30.79 -13.16 -29.87
N ILE A 199 -30.03 -12.08 -29.78
CA ILE A 199 -28.68 -12.00 -30.31
C ILE A 199 -27.56 -12.75 -29.56
N ILE A 200 -27.44 -12.47 -28.30
CA ILE A 200 -26.45 -13.12 -27.50
C ILE A 200 -26.71 -14.63 -27.34
N SER A 201 -27.92 -15.13 -27.42
CA SER A 201 -28.14 -16.58 -27.33
C SER A 201 -28.11 -17.10 -28.75
N GLY A 202 -28.02 -16.19 -29.71
CA GLY A 202 -27.94 -16.51 -31.10
C GLY A 202 -26.65 -17.12 -31.57
N PRO A 203 -26.52 -17.17 -32.89
CA PRO A 203 -25.29 -17.67 -33.42
C PRO A 203 -24.21 -16.56 -33.34
N GLN A 204 -22.97 -17.02 -33.25
CA GLN A 204 -21.84 -16.13 -32.99
C GLN A 204 -21.61 -15.13 -34.08
N GLN A 205 -22.07 -15.43 -35.27
CA GLN A 205 -21.83 -14.48 -36.33
C GLN A 205 -22.73 -13.27 -36.15
N THR A 206 -23.98 -13.50 -35.68
CA THR A 206 -24.90 -12.35 -35.46
C THR A 206 -24.33 -11.47 -34.32
N GLN A 207 -23.76 -12.14 -33.28
CA GLN A 207 -23.00 -11.44 -32.20
C GLN A 207 -21.94 -10.47 -32.76
N LYS A 208 -21.15 -10.93 -33.74
CA LYS A 208 -20.14 -10.03 -34.37
C LYS A 208 -20.75 -8.81 -35.04
N VAL A 209 -21.94 -9.03 -35.57
CA VAL A 209 -22.63 -8.00 -36.34
C VAL A 209 -23.14 -6.90 -35.38
N PHE A 210 -23.80 -7.43 -34.34
CA PHE A 210 -24.29 -6.62 -33.28
C PHE A 210 -23.13 -5.70 -32.85
N LEU A 211 -22.01 -6.36 -32.48
CA LEU A 211 -20.85 -5.66 -31.90
C LEU A 211 -20.36 -4.62 -32.85
N PHE A 212 -20.37 -4.97 -34.13
CA PHE A 212 -19.86 -4.04 -35.12
C PHE A 212 -20.70 -2.74 -35.14
N ILE A 213 -22.02 -2.96 -35.20
CA ILE A 213 -22.95 -1.86 -35.39
C ILE A 213 -22.84 -0.94 -34.18
N ARG A 214 -22.77 -1.61 -33.01
CA ARG A 214 -22.59 -0.91 -31.76
C ARG A 214 -21.34 -0.04 -31.77
N ASN A 215 -20.19 -0.71 -32.02
CA ASN A 215 -18.87 -0.03 -32.00
C ASN A 215 -18.88 1.10 -33.04
N ARG A 216 -19.55 0.82 -34.17
CA ARG A 216 -19.56 1.82 -35.23
C ARG A 216 -20.42 3.07 -34.89
N THR A 217 -21.59 2.82 -34.29
CA THR A 217 -22.42 3.96 -33.91
C THR A 217 -21.73 4.78 -32.81
N LEU A 218 -21.03 4.04 -31.92
CA LEU A 218 -20.27 4.67 -30.85
C LEU A 218 -19.25 5.56 -31.44
N GLN A 219 -18.55 5.00 -32.46
CA GLN A 219 -17.52 5.75 -33.16
C GLN A 219 -18.08 7.02 -33.77
N LEU A 220 -19.21 6.90 -34.47
CA LEU A 220 -19.79 8.13 -35.08
C LEU A 220 -20.12 9.22 -34.07
N TRP A 221 -20.71 8.80 -32.95
CA TRP A 221 -21.01 9.74 -31.87
C TRP A 221 -19.70 10.38 -31.37
N LEU A 222 -18.69 9.53 -31.14
CA LEU A 222 -17.43 10.04 -30.54
C LEU A 222 -16.67 11.02 -31.44
N ASP A 223 -16.61 10.66 -32.74
CA ASP A 223 -15.98 11.53 -33.76
C ASP A 223 -16.62 12.87 -33.74
N ASN A 224 -17.92 12.94 -33.47
CA ASN A 224 -18.54 14.23 -33.37
C ASN A 224 -19.70 14.37 -32.37
N PRO A 225 -19.37 14.64 -31.12
CA PRO A 225 -20.38 14.68 -30.11
C PRO A 225 -20.99 16.05 -29.87
N LYS A 226 -20.72 17.02 -30.75
CA LYS A 226 -21.40 18.31 -30.62
C LYS A 226 -22.74 18.33 -31.32
N ILE A 227 -23.12 17.24 -32.01
CA ILE A 227 -24.46 17.18 -32.54
C ILE A 227 -25.10 15.82 -32.49
N GLN A 228 -26.43 15.87 -32.42
CA GLN A 228 -27.18 14.67 -32.28
C GLN A 228 -26.86 13.68 -33.39
N LEU A 229 -26.60 12.43 -33.03
CA LEU A 229 -26.47 11.37 -33.99
C LEU A 229 -27.80 10.62 -34.03
N THR A 230 -28.47 10.81 -35.17
CA THR A 230 -29.78 10.21 -35.43
C THR A 230 -29.65 8.83 -36.02
N PHE A 231 -30.72 8.07 -35.91
CA PHE A 231 -30.78 6.70 -36.45
C PHE A 231 -30.49 6.66 -37.93
N GLU A 232 -30.85 7.73 -38.61
CA GLU A 232 -30.74 7.80 -40.06
C GLU A 232 -29.30 8.06 -40.38
N ALA A 233 -28.78 9.20 -39.93
CA ALA A 233 -27.33 9.42 -40.03
C ALA A 233 -26.47 8.10 -39.79
N THR A 234 -26.95 7.22 -38.92
CA THR A 234 -26.20 6.04 -38.51
C THR A 234 -26.27 5.01 -39.62
N LEU A 235 -27.47 4.87 -40.15
CA LEU A 235 -27.73 3.84 -41.14
C LEU A 235 -27.08 4.21 -42.45
N GLN A 236 -27.23 5.50 -42.79
CA GLN A 236 -26.51 6.14 -43.86
C GLN A 236 -25.04 5.69 -43.86
N GLN A 237 -24.34 5.83 -42.72
CA GLN A 237 -22.88 5.58 -42.64
C GLN A 237 -22.43 4.17 -42.29
N LEU A 238 -23.34 3.27 -42.07
CA LEU A 238 -22.96 1.87 -42.07
C LEU A 238 -22.81 1.36 -43.47
N GLU A 239 -21.87 0.46 -43.70
CA GLU A 239 -21.66 -0.13 -45.02
C GLU A 239 -22.14 -1.56 -44.98
N ALA A 240 -22.89 -2.03 -46.00
CA ALA A 240 -23.50 -3.40 -45.99
C ALA A 240 -22.37 -4.44 -45.84
N PRO A 241 -22.58 -5.72 -45.49
CA PRO A 241 -23.84 -6.36 -45.02
C PRO A 241 -24.55 -5.80 -43.74
N TYR A 242 -23.87 -4.92 -42.99
CA TYR A 242 -24.33 -4.38 -41.70
C TYR A 242 -25.49 -3.42 -41.90
N ASN A 243 -25.34 -2.51 -42.86
CA ASN A 243 -26.40 -1.71 -43.48
C ASN A 243 -27.70 -2.43 -43.77
N SER A 244 -27.61 -3.74 -44.03
CA SER A 244 -28.78 -4.50 -44.43
C SER A 244 -29.87 -4.57 -43.38
N ASP A 245 -29.61 -5.18 -42.22
CA ASP A 245 -30.67 -5.40 -41.19
C ASP A 245 -31.06 -4.12 -40.47
N THR A 246 -32.13 -3.42 -40.90
CA THR A 246 -32.30 -2.04 -40.39
C THR A 246 -33.03 -2.00 -39.07
N VAL A 247 -33.71 -3.10 -38.73
CA VAL A 247 -34.33 -3.22 -37.41
C VAL A 247 -33.27 -3.34 -36.30
N LEU A 248 -32.39 -4.32 -36.43
CA LEU A 248 -31.14 -4.32 -35.65
C LEU A 248 -30.47 -2.95 -35.49
N VAL A 249 -30.18 -2.26 -36.57
CA VAL A 249 -29.52 -0.99 -36.45
C VAL A 249 -30.38 -0.09 -35.62
N HIS A 250 -31.71 -0.25 -35.74
CA HIS A 250 -32.60 0.66 -34.99
C HIS A 250 -32.59 0.30 -33.49
N ARG A 251 -32.70 -0.98 -33.20
CA ARG A 251 -32.68 -1.42 -31.83
C ARG A 251 -31.39 -0.98 -31.10
N VAL A 252 -30.25 -1.17 -31.78
CA VAL A 252 -28.96 -0.81 -31.29
C VAL A 252 -28.85 0.68 -31.06
N HIS A 253 -29.17 1.47 -32.07
CA HIS A 253 -29.13 2.93 -31.88
C HIS A 253 -29.99 3.35 -30.72
N SER A 254 -31.11 2.67 -30.53
CA SER A 254 -32.03 3.13 -29.50
C SER A 254 -31.50 2.80 -28.11
N TYR A 255 -30.98 1.59 -27.94
CA TYR A 255 -30.28 1.18 -26.69
C TYR A 255 -29.24 2.17 -26.33
N LEU A 256 -28.40 2.52 -27.28
CA LEU A 256 -27.31 3.42 -26.95
C LEU A 256 -27.80 4.77 -26.53
N GLU A 257 -28.92 5.21 -27.07
CA GLU A 257 -29.34 6.60 -26.87
C GLU A 257 -29.91 6.75 -25.49
N ARG A 258 -30.57 5.65 -25.11
CA ARG A 258 -31.44 5.55 -23.95
C ARG A 258 -30.59 5.48 -22.74
N HIS A 259 -29.60 4.62 -22.89
CA HIS A 259 -28.65 4.39 -21.85
C HIS A 259 -27.50 5.36 -21.82
N GLY A 260 -27.52 6.40 -22.62
CA GLY A 260 -26.58 7.52 -22.42
C GLY A 260 -25.20 7.39 -23.01
N LEU A 261 -25.02 6.35 -23.81
CA LEU A 261 -23.75 6.13 -24.54
C LEU A 261 -23.57 6.99 -25.75
N ILE A 262 -24.68 7.49 -26.32
CA ILE A 262 -24.66 8.52 -27.36
C ILE A 262 -25.71 9.55 -27.07
N ASN A 263 -25.59 10.68 -27.72
CA ASN A 263 -26.47 11.87 -27.48
C ASN A 263 -26.73 12.02 -26.02
N PHE A 264 -25.58 12.15 -25.35
CA PHE A 264 -25.50 12.66 -23.97
C PHE A 264 -24.73 13.97 -23.92
N GLY A 265 -25.05 14.74 -22.93
CA GLY A 265 -24.40 16.00 -22.67
C GLY A 265 -25.10 17.14 -23.36
N ILE A 266 -24.29 17.92 -24.06
CA ILE A 266 -24.69 19.17 -24.69
C ILE A 266 -24.36 19.10 -26.16
N TYR A 267 -25.42 18.79 -26.93
CA TYR A 267 -25.37 18.58 -28.35
C TYR A 267 -26.44 19.51 -28.90
N LYS A 268 -26.28 19.91 -30.17
CA LYS A 268 -27.36 20.47 -31.00
C LYS A 268 -28.32 19.37 -31.42
N ARG A 269 -29.61 19.62 -31.19
CA ARG A 269 -30.65 18.62 -31.53
C ARG A 269 -30.88 18.66 -33.00
N ILE A 270 -31.02 17.50 -33.64
CA ILE A 270 -31.42 17.40 -35.06
C ILE A 270 -32.94 17.21 -35.07
N LYS A 271 -33.43 15.99 -34.77
CA LYS A 271 -34.86 15.79 -34.48
C LYS A 271 -35.41 16.75 -33.40
N PRO A 272 -36.63 17.26 -33.59
CA PRO A 272 -37.11 18.31 -32.67
C PRO A 272 -37.83 17.65 -31.44
N LEU A 273 -37.96 18.39 -30.34
CA LEU A 273 -38.57 17.76 -29.13
C LEU A 273 -40.06 17.48 -29.23
N PRO A 274 -40.51 16.25 -28.85
CA PRO A 274 -41.98 16.04 -28.75
C PRO A 274 -42.65 17.25 -28.08
N THR A 275 -43.65 17.81 -28.75
CA THR A 275 -44.23 19.11 -28.34
C THR A 275 -44.97 18.87 -26.99
N LYS A 276 -45.72 17.76 -26.98
CA LYS A 276 -46.36 17.17 -25.79
C LYS A 276 -45.45 16.22 -25.02
N LYS A 277 -45.32 16.47 -23.73
CA LYS A 277 -44.43 15.68 -22.87
C LYS A 277 -45.10 14.50 -22.21
N THR A 278 -44.32 13.50 -21.83
CA THR A 278 -44.88 12.37 -21.12
C THR A 278 -44.20 12.12 -19.81
N GLY A 279 -45.00 11.96 -18.77
CA GLY A 279 -44.51 11.63 -17.43
C GLY A 279 -43.93 12.87 -16.75
N LYS A 280 -43.94 12.87 -15.42
CA LYS A 280 -43.29 13.88 -14.68
C LYS A 280 -42.33 13.28 -13.59
N VAL A 281 -41.09 13.79 -13.60
CA VAL A 281 -40.01 13.46 -12.66
C VAL A 281 -39.50 14.69 -11.94
N ILE A 282 -39.41 14.51 -10.62
CA ILE A 282 -38.76 15.38 -9.75
C ILE A 282 -37.36 14.77 -9.39
N ILE A 283 -36.35 15.59 -9.55
CA ILE A 283 -35.02 15.20 -9.27
C ILE A 283 -34.57 16.01 -8.09
N ILE A 284 -34.19 15.32 -7.01
CA ILE A 284 -33.67 16.00 -5.84
C ILE A 284 -32.17 16.17 -6.03
N GLY A 285 -31.76 17.42 -6.05
CA GLY A 285 -30.35 17.78 -6.16
C GLY A 285 -29.97 18.15 -7.56
N SER A 286 -29.34 19.29 -7.72
CA SER A 286 -28.76 19.76 -8.96
C SER A 286 -27.22 19.59 -9.10
N GLY A 287 -26.65 18.61 -8.42
CA GLY A 287 -25.34 18.13 -8.84
C GLY A 287 -25.20 17.57 -10.28
N VAL A 288 -24.02 17.12 -10.56
CA VAL A 288 -23.77 16.54 -11.82
C VAL A 288 -24.65 15.31 -12.04
N SER A 289 -24.83 14.44 -11.07
CA SER A 289 -25.69 13.26 -11.35
C SER A 289 -27.11 13.72 -11.74
N GLY A 290 -27.68 14.52 -10.83
CA GLY A 290 -28.94 15.13 -11.07
C GLY A 290 -29.12 15.79 -12.43
N LEU A 291 -28.19 16.68 -12.72
CA LEU A 291 -28.23 17.45 -13.95
C LEU A 291 -28.14 16.52 -15.12
N ALA A 292 -27.23 15.60 -15.06
CA ALA A 292 -27.07 14.73 -16.16
C ALA A 292 -28.35 13.92 -16.42
N ALA A 293 -29.07 13.52 -15.37
CA ALA A 293 -30.29 12.69 -15.58
C ALA A 293 -31.43 13.56 -16.21
N ALA A 294 -31.55 14.76 -15.65
CA ALA A 294 -32.53 15.72 -16.05
C ALA A 294 -32.48 15.86 -17.52
N ARG A 295 -31.28 16.11 -17.95
CA ARG A 295 -31.06 16.61 -19.24
C ARG A 295 -31.28 15.44 -20.17
N GLN A 296 -31.05 14.23 -19.71
CA GLN A 296 -31.43 13.04 -20.51
C GLN A 296 -32.92 12.77 -20.63
N LEU A 297 -33.68 13.12 -19.60
CA LEU A 297 -35.05 12.73 -19.48
C LEU A 297 -35.87 13.72 -20.34
N GLN A 298 -35.58 14.99 -20.18
CA GLN A 298 -35.99 16.01 -21.09
C GLN A 298 -35.53 15.68 -22.50
N SER A 299 -34.29 15.31 -22.74
CA SER A 299 -33.83 14.70 -24.02
C SER A 299 -34.93 13.76 -24.57
N PHE A 300 -35.62 13.03 -23.71
CA PHE A 300 -36.49 11.93 -24.11
C PHE A 300 -37.99 12.23 -24.14
N GLY A 301 -38.34 13.48 -23.89
CA GLY A 301 -39.70 13.90 -23.75
C GLY A 301 -40.36 13.84 -22.39
N MET A 302 -39.66 13.48 -21.32
CA MET A 302 -40.32 13.59 -20.01
C MET A 302 -40.27 15.01 -19.57
N ASP A 303 -41.06 15.33 -18.56
CA ASP A 303 -41.05 16.65 -17.95
C ASP A 303 -40.41 16.58 -16.55
N VAL A 304 -39.43 17.44 -16.36
CA VAL A 304 -38.52 17.28 -15.29
C VAL A 304 -38.40 18.57 -14.53
N THR A 305 -38.27 18.48 -13.24
CA THR A 305 -37.94 19.63 -12.41
C THR A 305 -36.92 19.20 -11.38
N LEU A 306 -35.91 20.05 -11.21
CA LEU A 306 -34.95 19.79 -10.18
C LEU A 306 -35.23 20.69 -9.02
N LEU A 307 -35.18 20.12 -7.82
CA LEU A 307 -35.10 20.88 -6.61
C LEU A 307 -33.67 20.86 -5.99
N GLU A 308 -33.17 22.05 -5.68
CA GLU A 308 -31.82 22.28 -5.18
C GLU A 308 -31.86 23.18 -3.97
N ALA A 309 -31.31 22.65 -2.88
CA ALA A 309 -31.21 23.34 -1.61
C ALA A 309 -30.33 24.60 -1.68
N ARG A 310 -29.21 24.48 -2.39
CA ARG A 310 -28.28 25.60 -2.49
C ARG A 310 -28.86 26.69 -3.40
N ASP A 311 -28.25 27.89 -3.34
CA ASP A 311 -28.44 28.90 -4.37
C ASP A 311 -27.59 28.72 -5.65
N ARG A 312 -27.08 27.52 -5.95
CA ARG A 312 -26.34 27.33 -7.20
C ARG A 312 -26.41 25.93 -7.60
N VAL A 313 -26.10 25.72 -8.89
CA VAL A 313 -26.17 24.40 -9.41
C VAL A 313 -25.15 23.37 -9.01
N GLY A 314 -23.89 23.57 -9.13
CA GLY A 314 -23.15 22.24 -9.33
C GLY A 314 -22.89 21.25 -8.15
N GLY A 315 -23.45 21.53 -6.99
CA GLY A 315 -23.18 20.64 -5.89
C GLY A 315 -21.75 20.67 -5.40
N ARG A 316 -21.24 19.46 -5.18
CA ARG A 316 -19.84 19.26 -4.77
C ARG A 316 -18.83 19.60 -5.93
N VAL A 317 -19.27 19.96 -7.11
CA VAL A 317 -18.47 20.78 -8.00
C VAL A 317 -18.78 22.22 -7.62
N ALA A 318 -17.79 22.87 -7.03
CA ALA A 318 -17.96 24.16 -6.39
C ALA A 318 -16.69 24.96 -6.58
N THR A 319 -16.74 25.84 -7.55
CA THR A 319 -15.68 26.80 -7.88
C THR A 319 -15.71 28.17 -7.16
N PHE A 320 -14.59 28.59 -6.58
CA PHE A 320 -14.46 29.91 -5.95
C PHE A 320 -14.08 30.90 -7.00
N ARG A 321 -14.63 32.11 -6.96
CA ARG A 321 -14.43 33.18 -7.96
C ARG A 321 -14.46 34.57 -7.34
N LYS A 322 -13.38 35.31 -7.50
CA LYS A 322 -13.29 36.68 -6.98
C LYS A 322 -12.27 37.44 -7.83
N GLY A 323 -12.70 38.56 -8.37
CA GLY A 323 -12.00 39.18 -9.50
C GLY A 323 -11.59 38.06 -10.44
N ASN A 324 -10.32 38.02 -10.82
CA ASN A 324 -9.81 37.00 -11.75
C ASN A 324 -9.25 35.77 -11.07
N TYR A 325 -9.18 35.78 -9.73
CA TYR A 325 -8.96 34.52 -9.01
C TYR A 325 -10.07 33.44 -9.25
N VAL A 326 -9.62 32.21 -9.47
CA VAL A 326 -10.48 31.07 -9.72
C VAL A 326 -9.92 29.78 -9.17
N ALA A 327 -10.65 29.21 -8.24
CA ALA A 327 -10.17 28.05 -7.56
C ALA A 327 -11.32 27.10 -7.11
N ASP A 328 -11.29 25.88 -7.63
CA ASP A 328 -12.11 24.83 -7.13
C ASP A 328 -11.96 24.35 -5.66
N LEU A 329 -13.05 24.43 -4.88
CA LEU A 329 -13.13 23.85 -3.52
C LEU A 329 -13.69 22.47 -3.53
N GLY A 330 -14.20 22.09 -4.71
CA GLY A 330 -14.85 20.83 -4.87
C GLY A 330 -13.97 19.96 -5.68
N ALA A 331 -14.56 19.15 -6.52
CA ALA A 331 -13.83 18.48 -7.53
C ALA A 331 -13.03 19.47 -8.34
N MET A 332 -11.81 19.03 -8.68
CA MET A 332 -10.79 19.84 -9.34
C MET A 332 -10.12 19.14 -10.51
N VAL A 333 -9.99 17.82 -10.39
CA VAL A 333 -9.22 17.03 -11.30
C VAL A 333 -10.07 16.11 -12.19
N VAL A 334 -9.80 16.22 -13.48
CA VAL A 334 -10.19 15.16 -14.41
C VAL A 334 -9.15 14.06 -14.38
N THR A 335 -9.52 12.85 -13.96
CA THR A 335 -8.60 11.76 -13.79
C THR A 335 -8.33 10.99 -15.10
N GLY A 336 -8.09 11.74 -16.18
CA GLY A 336 -7.55 11.15 -17.40
C GLY A 336 -8.66 10.88 -18.35
N LEU A 337 -8.42 11.10 -19.66
CA LEU A 337 -9.47 11.17 -20.69
C LEU A 337 -9.82 9.87 -21.38
N GLY A 338 -9.03 8.85 -21.10
CA GLY A 338 -9.14 7.63 -21.85
C GLY A 338 -10.19 6.76 -21.31
N GLY A 339 -11.39 6.81 -21.86
CA GLY A 339 -12.53 6.03 -21.28
C GLY A 339 -13.44 6.84 -20.38
N ASN A 340 -13.16 8.12 -20.28
CA ASN A 340 -13.79 9.02 -19.40
C ASN A 340 -14.80 9.81 -20.23
N PRO A 341 -16.08 9.73 -19.83
CA PRO A 341 -17.07 10.53 -20.48
C PRO A 341 -16.83 12.00 -20.36
N MET A 342 -15.99 12.41 -19.45
CA MET A 342 -15.73 13.85 -19.38
C MET A 342 -14.99 14.36 -20.60
N ALA A 343 -14.35 13.45 -21.35
CA ALA A 343 -13.71 13.76 -22.62
C ALA A 343 -14.74 14.28 -23.57
N VAL A 344 -15.82 13.51 -23.74
CA VAL A 344 -16.95 14.02 -24.48
C VAL A 344 -17.44 15.38 -23.95
N VAL A 345 -17.54 15.53 -22.66
CA VAL A 345 -18.05 16.78 -22.17
C VAL A 345 -17.12 17.95 -22.48
N SER A 346 -15.81 17.75 -22.51
CA SER A 346 -14.88 18.89 -22.77
C SER A 346 -14.92 19.24 -24.20
N LYS A 347 -15.04 18.25 -25.10
CA LYS A 347 -15.36 18.56 -26.51
C LYS A 347 -16.62 19.46 -26.61
N GLN A 348 -17.68 19.16 -25.84
CA GLN A 348 -18.94 19.95 -25.89
C GLN A 348 -18.93 21.33 -25.25
N VAL A 349 -18.40 21.46 -24.06
CA VAL A 349 -18.26 22.74 -23.38
C VAL A 349 -16.89 23.29 -23.80
N ASN A 350 -16.63 24.56 -23.58
CA ASN A 350 -15.25 24.95 -23.48
C ASN A 350 -14.80 24.69 -22.05
N MET A 351 -14.16 23.56 -21.85
CA MET A 351 -13.28 23.50 -20.71
C MET A 351 -11.92 23.66 -21.34
N GLU A 352 -11.07 24.39 -20.60
CA GLU A 352 -9.69 24.58 -20.95
C GLU A 352 -9.01 23.65 -19.99
N LEU A 353 -8.72 22.45 -20.46
CA LEU A 353 -8.01 21.48 -19.63
C LEU A 353 -6.50 21.74 -19.53
N ALA A 354 -5.85 21.23 -18.49
CA ALA A 354 -4.40 21.50 -18.20
C ALA A 354 -3.68 20.37 -17.50
N LYS A 355 -2.70 19.74 -18.17
CA LYS A 355 -1.96 18.60 -17.59
C LYS A 355 -1.27 18.98 -16.27
N ILE A 356 -1.18 18.06 -15.34
CA ILE A 356 -0.62 18.38 -14.03
C ILE A 356 0.73 17.68 -13.94
N LYS A 357 1.77 18.47 -13.60
CA LYS A 357 3.12 17.98 -13.47
C LYS A 357 3.20 17.12 -12.21
N GLN A 358 3.51 15.82 -12.37
CA GLN A 358 3.48 14.94 -11.21
C GLN A 358 4.73 15.04 -10.29
N LYS A 359 5.76 15.86 -10.58
CA LYS A 359 6.94 16.01 -9.62
C LYS A 359 6.42 16.58 -8.33
N CYS A 360 6.57 15.86 -7.24
CA CYS A 360 6.21 16.34 -5.91
C CYS A 360 7.36 16.21 -4.88
N PRO A 361 8.11 17.31 -4.69
CA PRO A 361 9.05 17.66 -3.62
C PRO A 361 8.48 17.64 -2.20
N LEU A 362 9.11 16.93 -1.26
CA LEU A 362 8.74 16.99 0.18
C LEU A 362 9.62 17.94 1.04
N TYR A 363 9.14 18.37 2.21
CA TYR A 363 9.85 19.36 3.04
C TYR A 363 9.52 19.16 4.51
N GLU A 364 10.48 18.66 5.28
CA GLU A 364 10.20 18.24 6.68
C GLU A 364 9.74 19.40 7.52
N ALA A 365 9.33 19.11 8.74
CA ALA A 365 8.78 20.20 9.61
C ALA A 365 9.53 21.57 9.57
N ASN A 366 10.86 21.53 9.63
CA ASN A 366 11.76 22.71 9.58
C ASN A 366 11.81 23.48 8.25
N GLY A 367 11.57 22.81 7.14
CA GLY A 367 11.65 23.46 5.83
C GLY A 367 12.76 22.94 4.94
N GLN A 368 13.53 21.96 5.43
CA GLN A 368 14.60 21.36 4.63
C GLN A 368 13.96 20.34 3.70
N ALA A 369 14.03 20.60 2.40
CA ALA A 369 13.89 19.52 1.38
C ALA A 369 14.34 18.14 1.83
N VAL A 370 13.49 17.14 1.72
CA VAL A 370 13.92 15.78 2.00
C VAL A 370 14.95 15.51 0.90
N PRO A 371 15.93 14.61 1.14
CA PRO A 371 16.91 14.41 0.09
C PRO A 371 16.61 13.15 -0.68
N LYS A 372 16.96 13.19 -1.96
CA LYS A 372 16.57 12.16 -2.94
C LYS A 372 16.80 10.70 -2.50
N GLU A 373 17.75 10.52 -1.61
CA GLU A 373 18.08 9.24 -1.02
C GLU A 373 16.86 8.75 -0.29
N LYS A 374 16.40 9.57 0.70
CA LYS A 374 15.33 9.20 1.67
C LYS A 374 13.99 9.14 0.90
N ASP A 375 13.72 10.19 0.10
CA ASP A 375 12.47 10.28 -0.65
C ASP A 375 12.13 8.93 -1.29
N GLU A 376 13.15 8.36 -1.96
CA GLU A 376 13.04 7.07 -2.61
C GLU A 376 13.03 5.86 -1.64
N MET A 377 13.85 5.88 -0.57
CA MET A 377 13.88 4.72 0.40
C MET A 377 12.42 4.56 0.78
N VAL A 378 11.79 5.69 1.16
CA VAL A 378 10.52 5.69 1.88
C VAL A 378 9.36 5.42 0.91
N GLU A 379 9.31 6.16 -0.21
CA GLU A 379 8.37 5.78 -1.29
C GLU A 379 8.36 4.29 -1.57
N GLN A 380 9.54 3.69 -1.77
CA GLN A 380 9.59 2.24 -2.06
C GLN A 380 8.99 1.44 -0.89
N GLU A 381 9.15 1.97 0.32
CA GLU A 381 8.81 1.18 1.49
C GLU A 381 7.30 1.26 1.72
N PHE A 382 6.78 2.49 1.53
CA PHE A 382 5.34 2.73 1.36
C PHE A 382 4.77 1.71 0.38
N ASN A 383 5.39 1.66 -0.79
CA ASN A 383 4.88 0.72 -1.78
C ASN A 383 4.92 -0.75 -1.34
N ARG A 384 5.99 -1.10 -0.64
CA ARG A 384 6.18 -2.49 -0.24
C ARG A 384 5.14 -2.80 0.84
N LEU A 385 4.89 -1.81 1.68
CA LEU A 385 3.97 -1.99 2.77
C LEU A 385 2.51 -2.19 2.27
N LEU A 386 2.13 -1.42 1.23
CA LEU A 386 0.85 -1.69 0.58
C LEU A 386 0.84 -3.06 -0.03
N GLU A 387 1.83 -3.38 -0.89
CA GLU A 387 1.79 -4.75 -1.51
C GLU A 387 1.54 -5.76 -0.41
N ALA A 388 2.18 -5.47 0.73
CA ALA A 388 2.15 -6.33 1.88
C ALA A 388 0.76 -6.57 2.44
N THR A 389 -0.04 -5.51 2.52
CA THR A 389 -1.45 -5.59 3.01
C THR A 389 -2.23 -6.45 2.06
N SER A 390 -1.88 -6.25 0.79
CA SER A 390 -2.57 -7.03 -0.22
C SER A 390 -2.32 -8.52 -0.04
N TYR A 391 -1.03 -8.85 0.22
CA TYR A 391 -0.63 -10.21 0.51
C TYR A 391 -1.38 -10.67 1.76
N LEU A 392 -1.29 -9.87 2.80
CA LEU A 392 -2.01 -10.17 4.01
C LEU A 392 -3.50 -10.49 3.79
N SER A 393 -4.11 -9.67 2.92
CA SER A 393 -5.53 -9.81 2.61
C SER A 393 -5.85 -11.09 1.84
N HIS A 394 -5.23 -11.26 0.65
CA HIS A 394 -5.61 -12.31 -0.32
C HIS A 394 -4.98 -13.65 0.04
N GLN A 395 -3.66 -13.69 0.23
CA GLN A 395 -2.94 -14.97 0.50
C GLN A 395 -3.22 -15.45 1.90
N LEU A 396 -3.21 -14.58 2.89
CA LEU A 396 -3.43 -15.04 4.27
C LEU A 396 -4.87 -14.92 4.78
N ASP A 397 -5.81 -14.45 3.97
CA ASP A 397 -7.21 -14.22 4.42
C ASP A 397 -7.39 -13.43 5.78
N PHE A 398 -6.57 -12.41 6.00
CA PHE A 398 -6.53 -11.70 7.30
C PHE A 398 -7.56 -10.55 7.20
N ASN A 399 -8.85 -10.89 7.19
CA ASN A 399 -9.87 -9.88 6.86
C ASN A 399 -10.89 -9.69 7.96
N VAL A 400 -11.18 -10.74 8.73
CA VAL A 400 -11.85 -10.65 10.04
C VAL A 400 -10.79 -10.76 11.18
N LEU A 401 -10.91 -9.98 12.26
CA LEU A 401 -10.04 -10.06 13.41
C LEU A 401 -10.79 -9.75 14.67
N ASN A 402 -10.86 -10.72 15.59
CA ASN A 402 -11.88 -10.77 16.66
C ASN A 402 -13.14 -10.86 15.87
N ASN A 403 -14.18 -10.17 16.30
CA ASN A 403 -15.42 -10.28 15.55
C ASN A 403 -15.57 -9.29 14.43
N LYS A 404 -14.60 -8.40 14.25
CA LYS A 404 -14.75 -7.21 13.39
C LYS A 404 -13.90 -7.29 12.11
N PRO A 405 -14.22 -6.48 11.10
CA PRO A 405 -13.42 -6.50 9.90
C PRO A 405 -12.18 -5.64 9.99
N VAL A 406 -11.17 -6.01 9.27
CA VAL A 406 -9.89 -5.36 9.46
C VAL A 406 -9.81 -4.15 8.55
N SER A 407 -9.28 -3.04 9.06
CA SER A 407 -8.95 -1.89 8.19
C SER A 407 -7.66 -2.01 7.49
N LEU A 408 -7.55 -1.30 6.38
CA LEU A 408 -6.27 -1.00 5.79
C LEU A 408 -5.26 -0.46 6.84
N GLY A 409 -5.62 0.57 7.62
CA GLY A 409 -4.80 0.98 8.76
C GLY A 409 -4.30 -0.11 9.76
N GLN A 410 -5.19 -0.90 10.36
CA GLN A 410 -4.78 -2.09 11.13
C GLN A 410 -3.77 -2.96 10.38
N ALA A 411 -4.11 -3.33 9.16
CA ALA A 411 -3.26 -4.18 8.37
C ALA A 411 -1.90 -3.53 8.20
N LEU A 412 -1.84 -2.24 7.90
CA LEU A 412 -0.56 -1.55 7.85
C LEU A 412 0.25 -1.55 9.16
N GLU A 413 -0.44 -1.40 10.31
CA GLU A 413 0.19 -1.50 11.65
C GLU A 413 0.83 -2.86 11.73
N VAL A 414 0.02 -3.88 11.60
CA VAL A 414 0.53 -5.22 11.69
C VAL A 414 1.77 -5.43 10.81
N VAL A 415 1.67 -5.06 9.56
CA VAL A 415 2.81 -5.23 8.67
C VAL A 415 4.07 -4.53 9.27
N ILE A 416 3.93 -3.28 9.67
CA ILE A 416 5.02 -2.55 10.25
C ILE A 416 5.53 -3.20 11.56
N GLN A 417 4.63 -3.66 12.41
CA GLN A 417 5.05 -4.33 13.64
C GLN A 417 5.90 -5.56 13.33
N LEU A 418 5.58 -6.29 12.29
CA LEU A 418 6.34 -7.45 11.95
C LEU A 418 7.68 -7.14 11.30
N GLN A 419 7.85 -5.93 10.80
CA GLN A 419 9.13 -5.51 10.24
C GLN A 419 10.00 -5.09 11.41
N GLU A 420 9.44 -4.34 12.33
CA GLU A 420 10.09 -4.09 13.62
C GLU A 420 10.53 -5.42 14.34
N LYS A 421 9.62 -6.38 14.47
CA LYS A 421 10.00 -7.69 14.99
C LYS A 421 11.17 -8.32 14.22
N HIS A 422 11.06 -8.46 12.90
CA HIS A 422 12.15 -9.09 12.17
C HIS A 422 13.49 -8.31 12.30
N VAL A 423 13.48 -7.00 12.53
CA VAL A 423 14.74 -6.28 12.76
C VAL A 423 15.44 -6.74 14.07
N LYS A 424 14.63 -6.90 15.11
CA LYS A 424 15.07 -7.43 16.39
C LYS A 424 15.51 -8.88 16.21
N ASP A 425 14.60 -9.80 15.92
CA ASP A 425 14.99 -11.16 15.53
C ASP A 425 16.38 -11.21 14.79
N GLU A 426 16.66 -10.31 13.84
CA GLU A 426 17.95 -10.33 13.06
C GLU A 426 19.08 -10.04 14.00
N GLN A 427 18.98 -8.89 14.70
CA GLN A 427 19.95 -8.48 15.72
C GLN A 427 20.25 -9.57 16.75
N ILE A 428 19.23 -10.15 17.33
CA ILE A 428 19.38 -11.32 18.18
C ILE A 428 20.28 -12.40 17.53
N GLU A 429 19.81 -13.18 16.54
CA GLU A 429 20.67 -14.14 15.84
C GLU A 429 22.13 -13.71 15.47
N HIS A 430 22.41 -12.42 15.35
CA HIS A 430 23.76 -11.90 15.04
C HIS A 430 24.63 -11.83 16.31
N TRP A 431 24.20 -11.03 17.30
CA TRP A 431 24.70 -11.15 18.65
C TRP A 431 24.74 -12.66 19.21
N LYS A 432 23.80 -13.54 18.88
CA LYS A 432 24.00 -14.97 19.22
C LYS A 432 25.18 -15.61 18.47
N LYS A 433 25.51 -15.11 17.29
CA LYS A 433 26.66 -15.60 16.55
C LYS A 433 27.91 -15.11 17.23
N ILE A 434 27.86 -13.90 17.75
CA ILE A 434 28.97 -13.34 18.45
C ILE A 434 29.27 -14.12 19.77
N VAL A 435 28.28 -14.31 20.64
CA VAL A 435 28.53 -15.15 21.80
C VAL A 435 29.07 -16.51 21.40
N LYS A 436 28.40 -17.25 20.54
CA LYS A 436 28.82 -18.62 20.30
C LYS A 436 30.31 -18.58 19.83
N THR A 437 30.72 -17.51 19.20
CA THR A 437 32.09 -17.38 18.77
C THR A 437 32.96 -17.08 19.97
N GLN A 438 32.60 -16.06 20.76
CA GLN A 438 33.26 -15.77 22.05
C GLN A 438 33.38 -17.03 22.99
N GLU A 439 32.32 -17.76 23.23
CA GLU A 439 32.43 -19.03 23.96
C GLU A 439 33.46 -20.00 23.38
N GLU A 440 33.63 -20.04 22.07
CA GLU A 440 34.64 -20.92 21.46
C GLU A 440 36.07 -20.42 21.72
N LEU A 441 36.31 -19.15 21.46
CA LEU A 441 37.54 -18.46 21.87
C LEU A 441 37.91 -18.67 23.36
N LYS A 442 36.91 -18.67 24.23
CA LYS A 442 37.13 -18.89 25.66
C LYS A 442 37.57 -20.33 25.88
N GLU A 443 36.84 -21.29 25.33
CA GLU A 443 37.23 -22.69 25.47
C GLU A 443 38.66 -22.94 24.97
N LEU A 444 39.09 -22.12 24.02
CA LEU A 444 40.36 -22.31 23.35
C LEU A 444 41.49 -21.62 24.11
N LEU A 445 41.26 -20.39 24.49
CA LEU A 445 42.11 -19.71 25.45
C LEU A 445 42.29 -20.51 26.80
N ASN A 446 41.28 -21.21 27.27
CA ASN A 446 41.47 -22.19 28.35
C ASN A 446 42.44 -23.29 27.94
N LYS A 447 42.23 -23.94 26.79
CA LYS A 447 43.12 -25.04 26.41
C LYS A 447 44.54 -24.51 26.32
N MET A 448 44.67 -23.32 25.78
CA MET A 448 45.96 -22.72 25.59
C MET A 448 46.64 -22.33 26.89
N VAL A 449 45.89 -22.03 27.94
CA VAL A 449 46.50 -21.55 29.17
C VAL A 449 47.04 -22.78 29.93
N ASN A 450 46.26 -23.87 29.96
CA ASN A 450 46.70 -25.20 30.44
C ASN A 450 47.85 -25.82 29.74
N LEU A 451 48.07 -25.40 28.52
CA LEU A 451 49.00 -26.05 27.68
C LEU A 451 50.33 -25.38 27.87
N LYS A 452 50.33 -24.07 27.91
CA LYS A 452 51.47 -23.31 28.44
C LYS A 452 51.92 -23.80 29.84
N GLU A 453 50.98 -24.20 30.72
CA GLU A 453 51.35 -24.76 32.01
C GLU A 453 52.14 -26.03 31.84
N LYS A 454 51.55 -27.10 31.31
CA LYS A 454 52.29 -28.34 30.96
C LYS A 454 53.61 -28.04 30.20
N ILE A 455 53.67 -26.98 29.42
CA ILE A 455 54.90 -26.67 28.72
C ILE A 455 55.99 -26.21 29.69
N LYS A 456 55.72 -25.11 30.36
CA LYS A 456 56.51 -24.68 31.51
C LYS A 456 57.09 -25.86 32.39
N GLU A 457 56.23 -26.73 32.84
CA GLU A 457 56.62 -27.89 33.63
C GLU A 457 57.61 -28.76 32.84
N LEU A 458 57.23 -29.23 31.66
CA LEU A 458 58.16 -29.98 30.82
C LEU A 458 59.48 -29.28 30.53
N HIS A 459 59.48 -27.98 30.42
CA HIS A 459 60.73 -27.31 30.11
C HIS A 459 61.65 -27.38 31.30
N GLN A 460 61.09 -27.31 32.51
CA GLN A 460 61.85 -27.35 33.76
C GLN A 460 62.42 -28.76 33.83
N GLN A 461 61.55 -29.72 33.74
CA GLN A 461 61.93 -31.11 33.72
C GLN A 461 63.06 -31.41 32.74
N TYR A 462 63.05 -30.78 31.60
CA TYR A 462 64.07 -31.04 30.64
C TYR A 462 65.36 -30.39 31.13
N LYS A 463 65.28 -29.10 31.47
CA LYS A 463 66.38 -28.39 32.11
C LYS A 463 67.07 -29.32 33.17
N GLU A 464 66.27 -29.89 34.07
CA GLU A 464 66.75 -30.78 35.13
C GLU A 464 67.38 -32.04 34.57
N ALA A 465 66.62 -32.86 33.90
CA ALA A 465 67.20 -34.06 33.32
C ALA A 465 68.47 -33.79 32.54
N SER A 466 68.62 -32.60 31.97
CA SER A 466 69.82 -32.20 31.23
C SER A 466 71.06 -31.86 32.11
N GLU A 467 70.85 -31.54 33.39
CA GLU A 467 71.91 -31.46 34.42
C GLU A 467 72.77 -32.74 34.53
N VAL A 468 72.18 -33.91 34.29
CA VAL A 468 72.94 -35.13 34.20
C VAL A 468 73.82 -35.03 32.94
N LYS A 469 75.15 -34.91 33.10
CA LYS A 469 76.06 -34.60 31.98
C LYS A 469 76.48 -35.85 31.31
N PRO A 470 76.79 -35.76 30.03
CA PRO A 470 77.28 -36.94 29.39
C PRO A 470 78.69 -37.29 29.82
N PRO A 471 79.17 -38.44 29.41
CA PRO A 471 78.35 -39.52 28.90
C PRO A 471 77.49 -40.07 30.05
N ARG A 472 76.31 -40.59 29.75
CA ARG A 472 75.38 -40.95 30.81
C ARG A 472 74.72 -42.18 30.40
N ASP A 473 74.10 -42.88 31.34
CA ASP A 473 73.42 -44.11 30.99
C ASP A 473 72.17 -43.78 30.18
N ILE A 474 71.56 -44.82 29.64
CA ILE A 474 70.63 -44.62 28.59
C ILE A 474 69.26 -44.21 29.10
N THR A 475 68.86 -44.67 30.29
CA THR A 475 67.69 -44.12 30.94
C THR A 475 67.78 -42.59 31.14
N ALA A 476 68.97 -42.06 31.41
CA ALA A 476 69.13 -40.62 31.47
C ALA A 476 69.03 -39.94 30.13
N GLU A 477 69.58 -40.60 29.12
CA GLU A 477 69.56 -40.09 27.76
C GLU A 477 68.12 -40.11 27.27
N PHE A 478 67.43 -41.21 27.54
CA PHE A 478 66.03 -41.38 27.24
C PHE A 478 65.23 -40.26 27.80
N LEU A 479 65.46 -39.99 29.07
CA LEU A 479 64.76 -38.95 29.76
C LEU A 479 64.97 -37.59 29.14
N VAL A 480 66.15 -37.26 28.68
CA VAL A 480 66.33 -35.95 28.07
C VAL A 480 65.60 -35.88 26.76
N LYS A 481 65.82 -36.88 25.94
CA LYS A 481 65.25 -36.97 24.60
C LYS A 481 63.72 -37.08 24.66
N SER A 482 63.20 -37.92 25.54
CA SER A 482 61.78 -38.04 25.73
C SER A 482 61.13 -36.71 26.18
N LYS A 483 61.65 -36.02 27.17
CA LYS A 483 61.02 -34.74 27.53
C LYS A 483 61.10 -33.74 26.37
N HIS A 484 62.15 -33.82 25.59
CA HIS A 484 62.37 -32.85 24.56
C HIS A 484 61.29 -32.98 23.51
N ARG A 485 61.02 -34.22 23.22
CA ARG A 485 60.07 -34.60 22.25
C ARG A 485 58.70 -34.09 22.69
N ASP A 486 58.27 -34.54 23.86
CA ASP A 486 57.06 -34.14 24.54
C ASP A 486 56.84 -32.63 24.57
N LEU A 487 57.86 -31.88 24.89
CA LEU A 487 57.72 -30.45 24.90
C LEU A 487 57.54 -29.91 23.48
N THR A 488 58.22 -30.46 22.46
CA THR A 488 58.01 -29.93 21.08
C THR A 488 56.64 -30.37 20.55
N ALA A 489 56.21 -31.60 20.81
CA ALA A 489 54.80 -32.03 20.56
C ALA A 489 53.76 -31.04 21.11
N LEU A 490 53.87 -30.65 22.38
CA LEU A 490 52.96 -29.65 22.96
C LEU A 490 53.17 -28.23 22.41
N CYS A 491 54.41 -27.85 22.11
CA CYS A 491 54.65 -26.56 21.50
C CYS A 491 53.97 -26.48 20.11
N LYS A 492 53.99 -27.59 19.39
CA LYS A 492 53.39 -27.67 18.09
C LYS A 492 51.88 -27.48 18.37
N GLU A 493 51.27 -28.39 19.13
CA GLU A 493 49.84 -28.29 19.51
C GLU A 493 49.33 -26.86 19.90
N TYR A 494 50.15 -26.08 20.59
CA TYR A 494 49.87 -24.69 20.98
C TYR A 494 49.95 -23.74 19.85
N ASP A 495 50.82 -24.00 18.90
CA ASP A 495 50.87 -23.16 17.69
C ASP A 495 49.63 -23.34 16.76
N GLU A 496 49.13 -24.57 16.69
CA GLU A 496 47.88 -24.87 16.04
C GLU A 496 46.77 -24.06 16.72
N LEU A 497 46.55 -24.33 18.01
CA LEU A 497 45.57 -23.56 18.80
C LEU A 497 45.67 -22.05 18.72
N ALA A 498 46.84 -21.46 18.49
CA ALA A 498 46.95 -19.99 18.37
C ALA A 498 46.80 -19.53 16.95
N GLU A 499 46.86 -20.46 15.98
CA GLU A 499 46.39 -20.19 14.59
C GLU A 499 44.86 -20.08 14.67
N THR A 500 44.15 -21.18 14.96
CA THR A 500 42.71 -21.09 15.33
C THR A 500 42.31 -19.77 16.08
N GLN A 501 43.09 -19.34 17.05
CA GLN A 501 42.77 -18.14 17.84
C GLN A 501 42.73 -16.88 16.98
N GLY A 502 43.57 -16.81 15.95
CA GLY A 502 43.70 -15.59 15.12
C GLY A 502 42.54 -15.44 14.14
N LYS A 503 42.06 -16.61 13.66
CA LYS A 503 40.81 -16.86 12.94
C LYS A 503 39.56 -16.48 13.71
N LEU A 504 39.36 -17.14 14.84
CA LEU A 504 38.29 -16.80 15.76
C LEU A 504 38.29 -15.29 16.07
N GLU A 505 39.44 -14.64 16.12
CA GLU A 505 39.43 -13.20 16.38
C GLU A 505 39.11 -12.42 15.12
N GLU A 506 39.23 -13.06 13.95
CA GLU A 506 38.81 -12.42 12.69
C GLU A 506 37.29 -12.51 12.49
N LYS A 507 36.69 -13.72 12.43
CA LYS A 507 35.21 -13.85 12.60
C LYS A 507 34.59 -12.79 13.50
N LEU A 508 35.26 -12.40 14.57
CA LEU A 508 34.73 -11.38 15.46
C LEU A 508 34.91 -9.91 15.06
N GLN A 509 35.95 -9.57 14.33
CA GLN A 509 36.06 -8.19 13.84
C GLN A 509 35.13 -8.07 12.61
N GLU A 510 34.91 -9.19 11.91
CA GLU A 510 33.98 -9.27 10.80
C GLU A 510 32.56 -9.03 11.32
N LEU A 511 32.07 -9.90 12.18
CA LEU A 511 30.75 -9.70 12.77
C LEU A 511 30.56 -8.36 13.49
N GLU A 512 31.55 -7.80 14.16
CA GLU A 512 31.29 -6.53 14.87
C GLU A 512 31.19 -5.40 13.85
N ALA A 513 31.85 -5.57 12.71
CA ALA A 513 31.81 -4.57 11.64
C ALA A 513 30.57 -4.66 10.74
N ASN A 514 29.99 -5.86 10.57
CA ASN A 514 28.78 -6.14 9.77
C ASN A 514 27.50 -6.42 10.57
N PRO A 515 26.98 -5.42 11.34
CA PRO A 515 25.71 -5.68 12.07
C PRO A 515 24.53 -5.66 11.13
N PRO A 516 23.38 -6.26 11.51
CA PRO A 516 22.16 -5.97 10.83
C PRO A 516 21.72 -4.54 11.16
N SER A 517 20.67 -4.06 10.45
CA SER A 517 20.25 -2.67 10.62
C SER A 517 19.67 -2.49 12.01
N ASP A 518 19.86 -1.27 12.44
CA ASP A 518 19.72 -0.87 13.79
C ASP A 518 18.25 -0.83 14.26
N VAL A 519 17.41 -0.03 13.56
CA VAL A 519 15.95 -0.01 13.68
C VAL A 519 15.29 -0.17 12.29
N TYR A 520 13.99 -0.54 12.27
CA TYR A 520 13.21 -0.60 11.02
C TYR A 520 13.05 0.78 10.38
N LEU A 521 12.53 1.78 11.11
CA LEU A 521 12.47 3.14 10.54
C LEU A 521 12.84 4.19 11.58
N SER A 522 13.67 5.13 11.12
CA SER A 522 14.00 6.26 11.93
C SER A 522 12.77 7.11 12.12
N SER A 523 12.85 8.11 12.97
CA SER A 523 11.78 9.10 13.12
C SER A 523 11.53 9.97 11.93
N ARG A 524 12.59 10.46 11.32
CA ARG A 524 12.47 11.15 10.04
C ARG A 524 11.89 10.21 8.98
N ASP A 525 12.20 8.92 9.06
CA ASP A 525 11.64 8.01 8.07
C ASP A 525 10.11 7.86 8.31
N ARG A 526 9.72 7.37 9.48
CA ARG A 526 8.30 7.21 9.88
C ARG A 526 7.45 8.47 9.69
N GLN A 527 8.01 9.66 9.72
CA GLN A 527 7.22 10.87 9.41
C GLN A 527 7.05 11.06 7.94
N ILE A 528 8.10 10.81 7.19
CA ILE A 528 8.02 10.89 5.76
C ILE A 528 7.03 9.84 5.21
N LEU A 529 7.06 8.63 5.77
CA LEU A 529 6.08 7.59 5.45
C LEU A 529 4.64 8.05 5.83
N ASP A 530 4.49 8.73 6.95
CA ASP A 530 3.22 9.28 7.31
C ASP A 530 2.63 10.16 6.24
N TRP A 531 3.48 10.82 5.47
CA TRP A 531 3.00 11.71 4.43
C TRP A 531 2.45 10.90 3.25
N HIS A 532 3.08 9.79 2.93
CA HIS A 532 2.61 8.91 1.94
C HIS A 532 1.21 8.38 2.40
N PHE A 533 1.06 8.01 3.66
CA PHE A 533 -0.26 7.67 4.20
C PHE A 533 -1.27 8.85 4.18
N ALA A 534 -0.84 10.03 4.48
CA ALA A 534 -1.71 11.16 4.33
C ALA A 534 -2.18 11.30 2.87
N ASN A 535 -1.27 11.20 1.94
CA ASN A 535 -1.58 11.27 0.50
C ASN A 535 -2.70 10.29 0.12
N LEU A 536 -2.72 9.12 0.77
CA LEU A 536 -3.63 8.06 0.47
C LEU A 536 -4.98 8.35 1.18
N GLU A 537 -4.89 8.81 2.42
CA GLU A 537 -6.03 9.35 3.17
C GLU A 537 -6.72 10.48 2.44
N PHE A 538 -5.86 11.19 1.73
CA PHE A 538 -6.30 12.24 0.90
C PHE A 538 -7.16 11.70 -0.25
N ALA A 539 -6.68 10.72 -0.96
CA ALA A 539 -7.43 10.25 -2.08
C ALA A 539 -8.71 9.45 -1.74
N ASN A 540 -8.66 8.72 -0.65
CA ASN A 540 -9.77 8.03 -0.15
C ASN A 540 -10.59 8.89 0.72
N ALA A 541 -10.25 10.17 0.76
CA ALA A 541 -10.91 11.09 1.71
C ALA A 541 -11.37 10.51 3.10
N THR A 542 -10.56 9.71 3.75
CA THR A 542 -10.90 9.18 5.04
C THR A 542 -9.58 8.63 5.65
N PRO A 543 -9.48 8.61 6.96
CA PRO A 543 -8.54 7.86 7.71
C PRO A 543 -8.36 6.43 7.27
N LEU A 544 -7.09 5.98 7.17
CA LEU A 544 -6.88 4.60 6.73
C LEU A 544 -7.50 3.60 7.68
N SER A 545 -7.90 4.04 8.84
CA SER A 545 -8.43 3.11 9.83
C SER A 545 -9.84 2.79 9.58
N THR A 546 -10.46 3.54 8.65
CA THR A 546 -11.87 3.35 8.27
C THR A 546 -12.05 2.49 7.00
N LEU A 547 -11.03 2.52 6.09
CA LEU A 547 -11.01 1.71 4.83
C LEU A 547 -11.07 0.19 5.01
N SER A 548 -11.85 -0.48 4.17
CA SER A 548 -11.89 -1.92 4.15
C SER A 548 -10.56 -2.45 3.64
N LEU A 549 -9.98 -3.37 4.39
CA LEU A 549 -8.82 -4.03 3.86
C LEU A 549 -9.13 -4.75 2.54
N LYS A 550 -10.09 -5.70 2.53
CA LYS A 550 -10.41 -6.42 1.26
C LYS A 550 -10.74 -5.47 0.13
N HIS A 551 -11.52 -4.43 0.41
CA HIS A 551 -12.30 -3.78 -0.67
C HIS A 551 -12.04 -2.30 -0.99
N TRP A 552 -11.14 -1.67 -0.28
CA TRP A 552 -10.99 -0.25 -0.46
C TRP A 552 -10.64 0.12 -1.88
N ASP A 553 -9.91 -0.73 -2.57
CA ASP A 553 -9.41 -0.38 -3.90
C ASP A 553 -10.23 -1.02 -5.05
N GLN A 554 -11.38 -1.64 -4.71
CA GLN A 554 -12.23 -2.43 -5.62
C GLN A 554 -12.53 -1.87 -7.02
N ASP A 555 -12.51 -0.57 -7.10
CA ASP A 555 -12.65 0.10 -8.36
C ASP A 555 -11.43 0.47 -9.10
N ASP A 556 -10.25 -0.01 -8.66
CA ASP A 556 -8.97 0.50 -9.29
C ASP A 556 -8.83 -0.09 -10.73
N ASP A 557 -9.36 -1.31 -10.97
CA ASP A 557 -9.37 -1.83 -12.33
C ASP A 557 -9.99 -0.88 -13.39
N PHE A 558 -10.90 -0.03 -12.96
CA PHE A 558 -11.59 0.84 -13.89
C PHE A 558 -10.88 2.13 -14.23
N GLU A 559 -9.56 2.19 -13.98
CA GLU A 559 -8.82 3.43 -14.31
C GLU A 559 -8.94 3.78 -15.77
N PHE A 560 -9.00 5.06 -16.00
CA PHE A 560 -8.82 5.59 -17.30
C PHE A 560 -7.34 5.69 -17.65
N THR A 561 -7.08 6.26 -18.82
CA THR A 561 -5.76 6.49 -19.36
C THR A 561 -5.51 7.93 -19.70
N GLY A 562 -4.20 8.24 -19.72
CA GLY A 562 -3.70 9.59 -19.93
C GLY A 562 -3.51 10.28 -18.60
N SER A 563 -3.13 11.52 -18.68
CA SER A 563 -2.71 12.18 -17.49
C SER A 563 -3.88 12.92 -16.83
N HIS A 564 -3.95 12.82 -15.51
CA HIS A 564 -4.74 13.75 -14.73
C HIS A 564 -4.64 15.22 -15.26
N LEU A 565 -5.78 15.92 -15.35
CA LEU A 565 -5.87 17.32 -15.75
C LEU A 565 -6.69 18.17 -14.76
N THR A 566 -6.66 19.48 -14.94
CA THR A 566 -7.44 20.41 -14.16
C THR A 566 -8.14 21.34 -15.09
N VAL A 567 -9.10 22.09 -14.53
CA VAL A 567 -9.97 22.88 -15.35
C VAL A 567 -9.60 24.29 -15.11
N ARG A 568 -8.91 24.85 -16.08
CA ARG A 568 -8.33 26.15 -15.93
C ARG A 568 -9.40 27.20 -15.69
N ASN A 569 -10.57 27.08 -16.32
CA ASN A 569 -11.64 28.10 -16.08
C ASN A 569 -12.54 27.78 -14.88
N GLY A 570 -12.22 26.78 -14.04
CA GLY A 570 -13.10 26.36 -12.93
C GLY A 570 -14.07 25.23 -13.34
N TYR A 571 -14.10 24.15 -12.57
CA TYR A 571 -14.90 22.95 -12.92
C TYR A 571 -16.44 23.23 -12.99
N SER A 572 -16.87 24.27 -12.27
CA SER A 572 -18.23 24.74 -12.32
C SER A 572 -18.73 24.98 -13.72
N CYS A 573 -17.85 25.35 -14.61
CA CYS A 573 -18.27 25.58 -15.99
C CYS A 573 -19.11 24.40 -16.53
N VAL A 574 -18.92 23.20 -15.97
CA VAL A 574 -19.61 21.99 -16.46
C VAL A 574 -21.07 21.88 -15.99
N PRO A 575 -21.33 21.91 -14.68
CA PRO A 575 -22.73 21.89 -14.25
C PRO A 575 -23.49 23.05 -14.85
N VAL A 576 -22.84 24.18 -14.82
CA VAL A 576 -23.47 25.34 -15.34
C VAL A 576 -23.90 25.14 -16.78
N ALA A 577 -23.04 24.54 -17.57
CA ALA A 577 -23.41 24.29 -18.94
C ALA A 577 -24.59 23.39 -19.00
N LEU A 578 -24.52 22.28 -18.27
CA LEU A 578 -25.56 21.22 -18.20
C LEU A 578 -26.93 21.73 -17.74
N ALA A 579 -26.93 22.72 -16.84
CA ALA A 579 -28.18 23.38 -16.48
C ALA A 579 -28.95 24.25 -17.55
N GLU A 580 -28.35 24.52 -18.72
CA GLU A 580 -29.04 25.31 -19.73
C GLU A 580 -30.28 24.55 -19.97
N GLY A 581 -31.40 25.23 -19.98
CA GLY A 581 -32.60 24.70 -20.62
C GLY A 581 -33.47 23.88 -19.70
N LEU A 582 -33.27 24.03 -18.41
CA LEU A 582 -33.65 23.00 -17.51
C LEU A 582 -34.43 23.64 -16.42
N ASP A 583 -35.44 22.96 -15.93
CA ASP A 583 -36.22 23.60 -14.88
C ASP A 583 -35.62 23.49 -13.49
N ILE A 584 -34.90 24.52 -13.04
CA ILE A 584 -34.32 24.39 -11.71
C ILE A 584 -34.88 25.29 -10.61
N LYS A 585 -35.28 24.70 -9.50
CA LYS A 585 -35.67 25.46 -8.34
C LYS A 585 -34.57 25.51 -7.33
N LEU A 586 -33.91 26.68 -7.24
CA LEU A 586 -32.89 26.94 -6.18
C LEU A 586 -33.49 27.32 -4.86
N ASN A 587 -32.74 27.23 -3.81
CA ASN A 587 -33.24 27.50 -2.48
C ASN A 587 -34.47 26.79 -2.08
N THR A 588 -34.54 25.56 -2.53
CA THR A 588 -35.67 24.72 -2.35
C THR A 588 -35.05 23.44 -1.72
N ALA A 589 -35.03 23.37 -0.42
CA ALA A 589 -34.68 22.17 0.32
C ALA A 589 -35.80 21.12 0.48
N VAL A 590 -35.60 19.94 -0.13
CA VAL A 590 -36.47 18.85 0.09
C VAL A 590 -36.42 18.43 1.52
N ARG A 591 -37.60 18.14 2.07
CA ARG A 591 -37.75 17.75 3.50
C ARG A 591 -38.39 16.43 3.66
N GLN A 592 -39.36 16.14 2.78
CA GLN A 592 -40.00 14.88 2.80
C GLN A 592 -40.32 14.34 1.41
N VAL A 593 -40.24 13.00 1.31
CA VAL A 593 -40.46 12.31 0.03
C VAL A 593 -41.42 11.20 0.27
N ARG A 594 -42.53 11.25 -0.45
CA ARG A 594 -43.69 10.38 -0.28
C ARG A 594 -43.85 9.64 -1.54
N TYR A 595 -43.85 8.30 -1.44
CA TYR A 595 -43.98 7.51 -2.67
C TYR A 595 -45.01 6.43 -2.43
N THR A 596 -45.95 6.36 -3.36
CA THR A 596 -47.02 5.41 -3.25
C THR A 596 -47.34 4.82 -4.57
N ALA A 597 -48.17 3.80 -4.51
CA ALA A 597 -48.58 3.21 -5.74
C ALA A 597 -49.11 4.10 -6.82
N SER A 598 -49.66 5.26 -6.54
CA SER A 598 -50.39 6.08 -7.53
C SER A 598 -49.41 7.09 -8.11
N GLY A 599 -48.27 7.26 -7.44
CA GLY A 599 -47.28 8.28 -7.76
C GLY A 599 -46.65 8.81 -6.44
N CYS A 600 -46.06 10.01 -6.53
CA CYS A 600 -45.30 10.58 -5.40
C CYS A 600 -45.57 12.04 -5.18
N GLU A 601 -45.34 12.40 -3.91
CA GLU A 601 -45.24 13.77 -3.55
C GLU A 601 -44.01 14.12 -2.76
N VAL A 602 -43.35 15.18 -3.24
CA VAL A 602 -42.19 15.74 -2.59
C VAL A 602 -42.53 17.08 -1.99
N ILE A 603 -42.17 17.22 -0.72
CA ILE A 603 -42.37 18.42 0.05
C ILE A 603 -41.06 19.12 0.36
N ALA A 604 -40.93 20.36 -0.15
CA ALA A 604 -39.77 21.21 0.09
C ALA A 604 -40.13 22.55 0.73
N VAL A 605 -39.09 23.25 1.16
CA VAL A 605 -39.19 24.61 1.73
C VAL A 605 -38.18 25.53 1.13
N ASN A 606 -38.41 26.83 1.34
CA ASN A 606 -37.51 27.92 0.91
C ASN A 606 -36.39 28.08 1.91
N THR A 607 -35.15 28.19 1.46
CA THR A 607 -34.02 28.10 2.40
C THR A 607 -33.91 29.37 3.27
N ARG A 608 -34.34 30.45 2.64
CA ARG A 608 -34.33 31.78 3.18
C ARG A 608 -35.45 31.94 4.23
N SER A 609 -36.67 31.83 3.77
CA SER A 609 -37.90 31.88 4.55
C SER A 609 -38.37 30.44 4.82
N THR A 610 -37.83 29.75 5.84
CA THR A 610 -38.01 28.26 5.91
C THR A 610 -39.31 27.77 6.47
N SER A 611 -40.40 28.49 6.22
CA SER A 611 -41.78 27.98 6.47
C SER A 611 -42.71 28.17 5.28
N GLN A 612 -42.25 28.90 4.29
CA GLN A 612 -42.83 28.82 2.98
C GLN A 612 -42.60 27.39 2.44
N THR A 613 -43.67 26.74 2.00
CA THR A 613 -43.76 25.30 1.82
C THR A 613 -44.24 24.95 0.42
N PHE A 614 -43.62 23.93 -0.18
CA PHE A 614 -43.89 23.57 -1.59
C PHE A 614 -44.14 22.07 -1.71
N ILE A 615 -44.92 21.73 -2.71
CA ILE A 615 -45.36 20.39 -2.92
C ILE A 615 -45.28 19.99 -4.36
N TYR A 616 -44.52 18.95 -4.71
CA TYR A 616 -44.47 18.61 -6.13
C TYR A 616 -45.01 17.20 -6.26
N LYS A 617 -45.88 17.03 -7.23
CA LYS A 617 -46.47 15.72 -7.45
C LYS A 617 -45.83 15.23 -8.73
N CYS A 618 -45.53 13.94 -8.77
CA CYS A 618 -44.82 13.40 -9.97
C CYS A 618 -45.05 11.90 -9.98
N ASP A 619 -44.86 11.34 -11.18
CA ASP A 619 -44.80 9.87 -11.37
C ASP A 619 -43.58 9.19 -10.67
N ALA A 620 -42.48 9.92 -10.57
CA ALA A 620 -41.20 9.37 -10.07
C ALA A 620 -40.28 10.47 -9.52
N VAL A 621 -39.66 10.14 -8.40
CA VAL A 621 -38.55 10.90 -7.81
C VAL A 621 -37.14 10.20 -8.09
N LEU A 622 -36.18 10.95 -8.61
CA LEU A 622 -34.76 10.61 -8.59
C LEU A 622 -34.09 11.30 -7.43
N CYS A 623 -33.69 10.54 -6.42
CA CYS A 623 -32.92 11.05 -5.28
C CYS A 623 -31.40 11.00 -5.56
N THR A 624 -30.77 12.16 -5.63
CA THR A 624 -29.29 12.34 -5.69
C THR A 624 -28.68 13.05 -4.46
N LEU A 625 -29.42 13.04 -3.39
CA LEU A 625 -28.92 13.50 -2.14
C LEU A 625 -27.63 12.77 -1.82
N PRO A 626 -26.69 13.47 -1.23
CA PRO A 626 -25.44 12.87 -0.89
C PRO A 626 -25.54 11.84 0.15
N LEU A 627 -24.63 10.86 0.10
CA LEU A 627 -24.65 9.81 1.12
C LEU A 627 -24.49 10.42 2.53
N GLY A 628 -23.70 11.47 2.61
CA GLY A 628 -23.63 12.23 3.87
C GLY A 628 -24.98 12.70 4.42
N VAL A 629 -25.72 13.35 3.53
CA VAL A 629 -27.06 13.79 3.83
C VAL A 629 -27.95 12.56 4.17
N LEU A 630 -27.90 11.47 3.40
CA LEU A 630 -28.75 10.30 3.75
C LEU A 630 -28.36 9.73 5.08
N LYS A 631 -27.17 10.00 5.57
CA LYS A 631 -26.75 9.33 6.78
C LYS A 631 -27.10 10.19 8.01
N GLN A 632 -27.43 11.47 7.80
CA GLN A 632 -27.54 12.49 8.85
C GLN A 632 -28.56 11.98 9.90
N GLN A 633 -28.13 11.97 11.17
CA GLN A 633 -29.04 11.83 12.33
C GLN A 633 -29.12 13.14 13.12
N PRO A 634 -30.36 13.56 13.38
CA PRO A 634 -31.60 13.03 12.81
C PRO A 634 -31.79 13.43 11.31
N PRO A 635 -32.77 12.83 10.63
CA PRO A 635 -32.80 12.94 9.19
C PRO A 635 -33.05 14.32 8.66
N ALA A 636 -32.26 14.76 7.71
CA ALA A 636 -32.61 15.94 6.94
C ALA A 636 -33.82 15.73 6.04
N VAL A 637 -33.96 14.49 5.58
CA VAL A 637 -35.05 14.14 4.69
C VAL A 637 -35.77 12.91 5.16
N GLN A 638 -37.10 13.00 5.26
CA GLN A 638 -37.91 11.87 5.64
C GLN A 638 -38.48 11.21 4.43
N PHE A 639 -38.47 9.88 4.51
CA PHE A 639 -39.06 9.10 3.47
C PHE A 639 -40.34 8.46 3.96
N VAL A 640 -41.36 8.57 3.14
CA VAL A 640 -42.68 8.03 3.51
C VAL A 640 -43.21 7.21 2.35
N PRO A 641 -43.30 5.89 2.60
CA PRO A 641 -42.81 5.20 3.82
C PRO A 641 -41.33 5.14 3.93
N PRO A 642 -40.87 4.80 5.10
CA PRO A 642 -39.42 4.72 5.25
C PRO A 642 -38.79 3.70 4.35
N LEU A 643 -37.58 4.04 3.92
CA LEU A 643 -36.72 3.18 3.16
C LEU A 643 -36.61 1.82 3.88
N PRO A 644 -36.62 0.73 3.10
CA PRO A 644 -36.48 -0.61 3.73
C PRO A 644 -35.10 -0.81 4.34
N GLU A 645 -35.01 -1.81 5.24
CA GLU A 645 -33.76 -2.13 5.99
C GLU A 645 -32.60 -2.40 5.01
N TRP A 646 -32.88 -3.06 3.88
CA TRP A 646 -31.84 -3.37 2.91
C TRP A 646 -31.11 -2.15 2.40
N LYS A 647 -31.84 -1.08 2.24
CA LYS A 647 -31.27 0.14 1.76
C LYS A 647 -30.64 0.92 2.91
N THR A 648 -31.36 1.05 4.01
CA THR A 648 -30.83 1.82 5.16
C THR A 648 -29.55 1.20 5.69
N SER A 649 -29.44 -0.15 5.72
CA SER A 649 -28.20 -0.82 6.19
C SER A 649 -27.02 -0.60 5.26
N ALA A 650 -27.27 -0.53 3.97
CA ALA A 650 -26.23 -0.16 3.05
C ALA A 650 -25.77 1.28 3.29
N VAL A 651 -26.74 2.16 3.56
CA VAL A 651 -26.40 3.57 3.87
C VAL A 651 -25.53 3.65 5.17
N GLN A 652 -25.91 2.85 6.15
CA GLN A 652 -25.17 2.80 7.36
C GLN A 652 -23.72 2.30 7.11
N ARG A 653 -23.56 1.18 6.39
CA ARG A 653 -22.27 0.59 6.18
C ARG A 653 -21.33 1.39 5.29
N MET A 654 -21.79 1.97 4.17
CA MET A 654 -20.85 2.75 3.35
C MET A 654 -20.26 3.90 4.17
N GLY A 655 -19.07 4.29 3.78
CA GLY A 655 -18.41 5.37 4.39
C GLY A 655 -18.63 6.64 3.70
N PHE A 656 -18.60 7.71 4.45
CA PHE A 656 -18.64 8.99 3.77
C PHE A 656 -17.60 9.85 4.42
N GLY A 657 -16.55 10.13 3.69
CA GLY A 657 -15.42 10.80 4.28
C GLY A 657 -15.53 12.28 4.08
N ASN A 658 -14.35 12.90 3.99
CA ASN A 658 -14.10 14.32 4.21
C ASN A 658 -12.64 14.63 3.81
N LEU A 659 -12.47 15.88 3.41
CA LEU A 659 -11.30 16.33 2.76
C LEU A 659 -11.54 17.85 2.54
N ASN A 660 -10.61 18.71 2.91
CA ASN A 660 -10.80 20.18 2.79
C ASN A 660 -9.69 20.84 2.11
N LYS A 661 -9.97 22.01 1.56
CA LYS A 661 -8.94 22.86 0.89
C LYS A 661 -8.85 24.28 1.49
N VAL A 662 -7.65 24.87 1.41
CA VAL A 662 -7.43 26.29 1.75
C VAL A 662 -6.88 27.01 0.54
N VAL A 663 -7.56 28.04 0.11
CA VAL A 663 -7.19 28.72 -1.11
C VAL A 663 -6.49 29.96 -0.70
N LEU A 664 -5.24 30.11 -1.19
CA LEU A 664 -4.35 31.23 -0.88
C LEU A 664 -4.16 31.98 -2.15
N CYS A 665 -4.74 33.19 -2.11
CA CYS A 665 -4.68 34.08 -3.27
C CYS A 665 -3.61 35.17 -3.13
N PHE A 666 -2.69 35.17 -4.10
CA PHE A 666 -1.49 35.94 -3.92
C PHE A 666 -1.33 37.04 -4.93
N ASP A 667 -0.76 38.10 -4.33
CA ASP A 667 -0.09 39.24 -4.93
C ASP A 667 0.90 38.87 -6.07
N ARG A 668 1.94 38.09 -5.75
CA ARG A 668 2.92 37.63 -6.76
C ARG A 668 3.25 36.14 -6.55
N VAL A 669 3.45 35.41 -7.65
CA VAL A 669 4.03 34.03 -7.62
C VAL A 669 5.42 33.96 -6.93
N PHE A 670 5.52 33.25 -5.83
CA PHE A 670 6.81 33.14 -5.14
C PHE A 670 7.37 31.74 -5.02
N TRP A 671 7.20 30.85 -6.01
CA TRP A 671 7.51 29.40 -5.75
C TRP A 671 7.94 28.83 -7.04
N ASP A 672 8.46 27.60 -7.06
CA ASP A 672 8.89 27.09 -8.36
C ASP A 672 7.63 26.88 -9.25
N PRO A 673 7.45 27.75 -10.28
CA PRO A 673 6.33 27.55 -11.21
C PRO A 673 6.53 26.36 -12.12
N SER A 674 7.76 25.87 -12.24
CA SER A 674 8.06 24.64 -12.97
C SER A 674 7.32 23.43 -12.31
N VAL A 675 6.95 23.64 -11.03
CA VAL A 675 6.33 22.61 -10.20
C VAL A 675 4.92 22.95 -9.65
N ASN A 676 3.92 22.14 -10.04
CA ASN A 676 2.51 22.31 -9.58
C ASN A 676 2.25 21.99 -8.14
N LEU A 677 3.02 21.04 -7.62
CA LEU A 677 2.82 20.64 -6.26
C LEU A 677 4.03 20.21 -5.43
N PHE A 678 3.84 20.37 -4.13
CA PHE A 678 4.83 20.04 -3.17
C PHE A 678 4.28 19.77 -1.79
N GLY A 679 4.99 18.93 -1.05
CA GLY A 679 4.50 18.35 0.22
C GLY A 679 5.09 19.05 1.42
N HIS A 680 4.46 18.86 2.59
CA HIS A 680 4.94 19.34 3.88
C HIS A 680 4.84 18.15 4.81
N VAL A 681 5.95 17.77 5.47
CA VAL A 681 5.91 16.59 6.34
C VAL A 681 5.52 17.01 7.73
N GLY A 682 4.74 16.17 8.37
CA GLY A 682 4.02 16.55 9.55
C GLY A 682 4.85 15.96 10.63
N SER A 683 4.94 16.72 11.71
CA SER A 683 5.64 16.36 12.93
C SER A 683 5.11 15.12 13.61
N THR A 684 3.81 15.02 13.75
CA THR A 684 3.25 13.82 14.33
C THR A 684 2.53 13.08 13.26
N THR A 685 2.25 11.82 13.60
CA THR A 685 1.38 10.92 12.85
C THR A 685 -0.06 11.45 12.85
N ALA A 686 -0.55 11.74 14.05
CA ALA A 686 -1.80 12.44 14.29
C ALA A 686 -2.09 13.66 13.45
N SER A 687 -1.07 14.35 12.96
CA SER A 687 -1.29 15.52 12.12
C SER A 687 -0.69 15.30 10.72
N ARG A 688 -0.57 14.02 10.31
CA ARG A 688 -0.09 13.73 8.95
C ARG A 688 -0.91 14.44 7.86
N GLY A 689 -2.22 14.60 8.07
CA GLY A 689 -3.04 15.22 7.04
C GLY A 689 -2.99 16.74 6.97
N GLU A 690 -2.45 17.38 8.00
CA GLU A 690 -2.62 18.82 8.20
C GLU A 690 -1.77 19.73 7.28
N LEU A 691 -2.41 20.34 6.34
CA LEU A 691 -1.71 21.08 5.34
C LEU A 691 -0.48 20.34 4.79
N PHE A 692 -0.64 19.02 4.64
CA PHE A 692 0.37 18.11 4.08
C PHE A 692 0.71 18.34 2.61
N LEU A 693 -0.05 19.16 1.86
CA LEU A 693 0.21 19.29 0.40
C LEU A 693 -0.24 20.60 -0.23
N PHE A 694 0.51 21.14 -1.17
CA PHE A 694 0.21 22.49 -1.74
C PHE A 694 0.09 22.39 -3.27
N TRP A 695 -0.89 23.05 -3.93
CA TRP A 695 -1.02 22.98 -5.42
C TRP A 695 -0.99 24.39 -5.91
N ASN A 696 -0.29 24.57 -7.03
CA ASN A 696 -0.31 25.85 -7.65
C ASN A 696 -1.13 25.66 -8.89
N LEU A 697 -2.05 26.61 -9.15
CA LEU A 697 -2.89 26.55 -10.34
C LEU A 697 -2.03 27.02 -11.49
N TYR A 698 -2.12 26.26 -12.58
CA TYR A 698 -1.32 26.50 -13.77
C TYR A 698 -1.25 28.02 -14.12
N LYS A 699 -0.02 28.53 -14.27
CA LYS A 699 0.25 29.91 -14.71
C LYS A 699 -0.70 30.93 -14.02
N ALA A 700 -0.81 30.86 -12.71
CA ALA A 700 -1.72 31.73 -11.98
C ALA A 700 -1.27 31.78 -10.52
N PRO A 701 -1.38 32.95 -9.88
CA PRO A 701 -0.81 33.29 -8.55
C PRO A 701 -1.50 32.76 -7.32
N ILE A 702 -1.97 31.51 -7.40
CA ILE A 702 -2.85 30.93 -6.33
C ILE A 702 -2.22 29.64 -5.87
N LEU A 703 -2.17 29.45 -4.55
CA LEU A 703 -1.81 28.18 -3.96
C LEU A 703 -2.93 27.63 -3.08
N LEU A 704 -3.19 26.32 -3.28
CA LEU A 704 -4.12 25.55 -2.41
C LEU A 704 -3.38 24.65 -1.48
N ALA A 705 -3.93 24.43 -0.31
CA ALA A 705 -3.33 23.59 0.66
C ALA A 705 -4.37 22.62 1.19
N LEU A 706 -4.00 21.36 1.28
CA LEU A 706 -4.96 20.33 1.53
C LEU A 706 -4.92 19.81 2.92
N VAL A 707 -6.10 19.64 3.50
CA VAL A 707 -6.27 18.97 4.76
C VAL A 707 -6.94 17.60 4.58
N ALA A 708 -6.26 16.53 4.98
CA ALA A 708 -6.70 15.16 4.75
C ALA A 708 -6.70 14.34 6.02
N GLY A 709 -6.96 13.06 5.92
CA GLY A 709 -7.28 12.19 7.05
C GLY A 709 -7.95 12.76 8.25
N GLU A 710 -7.46 12.38 9.44
CA GLU A 710 -8.08 12.79 10.70
C GLU A 710 -7.98 14.29 10.88
N ALA A 711 -7.02 14.88 10.22
CA ALA A 711 -6.90 16.34 10.21
C ALA A 711 -8.13 17.05 9.69
N ALA A 712 -8.78 16.52 8.67
CA ALA A 712 -9.87 17.25 8.00
C ALA A 712 -11.02 17.61 8.94
N GLY A 713 -11.45 16.59 9.66
CA GLY A 713 -12.52 16.79 10.59
C GLY A 713 -12.23 17.79 11.68
N ILE A 714 -11.17 17.56 12.42
CA ILE A 714 -10.67 18.48 13.46
C ILE A 714 -10.45 19.92 12.99
N MET A 715 -9.75 20.09 11.88
CA MET A 715 -9.51 21.41 11.33
C MET A 715 -10.73 22.27 11.09
N GLU A 716 -11.89 21.63 10.95
CA GLU A 716 -13.11 22.35 10.54
C GLU A 716 -13.55 23.32 11.61
N ASN A 717 -13.38 22.84 12.84
CA ASN A 717 -13.71 23.42 14.08
C ASN A 717 -12.57 24.41 14.64
N ILE A 718 -11.79 25.03 13.76
CA ILE A 718 -10.70 25.95 14.09
C ILE A 718 -10.80 27.11 13.12
N SER A 719 -10.47 28.33 13.56
CA SER A 719 -10.81 29.55 12.80
C SER A 719 -10.06 29.63 11.48
N ASP A 720 -10.57 30.42 10.54
CA ASP A 720 -9.88 30.60 9.24
C ASP A 720 -8.51 31.26 9.37
N ASP A 721 -8.44 32.30 10.22
CA ASP A 721 -7.20 33.07 10.41
C ASP A 721 -6.12 32.15 11.00
N VAL A 722 -6.43 31.41 12.06
CA VAL A 722 -5.51 30.34 12.47
C VAL A 722 -4.97 29.41 11.32
N ILE A 723 -5.88 28.94 10.46
CA ILE A 723 -5.58 27.97 9.44
C ILE A 723 -4.66 28.63 8.41
N VAL A 724 -5.07 29.84 7.99
CA VAL A 724 -4.23 30.63 7.07
C VAL A 724 -2.86 30.93 7.79
N GLY A 725 -2.91 31.10 9.14
CA GLY A 725 -1.72 31.20 9.99
C GLY A 725 -0.76 30.07 9.69
N ARG A 726 -1.19 28.90 10.09
CA ARG A 726 -0.39 27.71 9.89
C ARG A 726 0.08 27.59 8.41
N CYS A 727 -0.72 28.08 7.48
CA CYS A 727 -0.35 27.97 6.06
C CYS A 727 0.83 28.83 5.69
N LEU A 728 0.78 30.05 6.20
CA LEU A 728 1.78 31.05 5.88
C LEU A 728 3.08 30.59 6.53
N ALA A 729 3.01 30.21 7.81
CA ALA A 729 4.13 29.62 8.53
C ALA A 729 4.86 28.56 7.70
N ILE A 730 4.20 27.44 7.43
CA ILE A 730 4.79 26.32 6.70
C ILE A 730 5.51 26.82 5.45
N LEU A 731 4.84 27.75 4.77
CA LEU A 731 5.39 28.34 3.56
C LEU A 731 6.62 29.21 3.80
N LYS A 732 6.61 30.01 4.87
CA LYS A 732 7.76 30.85 5.30
C LYS A 732 8.95 29.89 5.59
N GLY A 733 8.71 28.88 6.41
CA GLY A 733 9.66 27.78 6.62
C GLY A 733 10.29 27.17 5.37
N ILE A 734 9.63 27.26 4.21
CA ILE A 734 10.17 26.71 2.97
C ILE A 734 10.79 27.77 2.07
N PHE A 735 10.13 28.90 1.87
CA PHE A 735 10.60 29.93 0.92
C PHE A 735 11.27 31.15 1.69
N GLY A 736 11.36 31.05 3.02
CA GLY A 736 11.89 32.10 3.86
C GLY A 736 10.94 33.27 4.10
N SER A 737 10.86 33.69 5.38
CA SER A 737 10.08 34.87 5.85
C SER A 737 10.03 36.17 4.93
N SER A 738 11.16 36.59 4.36
CA SER A 738 11.12 37.66 3.33
C SER A 738 10.17 37.36 2.13
N ALA A 739 10.14 36.13 1.59
CA ALA A 739 9.44 35.85 0.28
C ALA A 739 7.88 35.62 0.27
N VAL A 740 7.22 35.60 1.44
CA VAL A 740 5.86 35.11 1.59
C VAL A 740 4.90 36.23 2.02
N PRO A 741 4.20 36.89 1.04
CA PRO A 741 3.24 38.02 1.35
C PRO A 741 2.09 37.64 2.25
N GLN A 742 1.35 38.60 2.82
CA GLN A 742 -0.01 38.27 3.30
C GLN A 742 -0.80 38.02 2.02
N PRO A 743 -1.88 37.19 2.12
CA PRO A 743 -2.61 36.90 0.88
C PRO A 743 -3.77 37.92 0.68
N LYS A 744 -4.12 38.16 -0.58
CA LYS A 744 -5.20 39.11 -0.95
C LYS A 744 -6.61 38.65 -0.47
N GLU A 745 -6.92 37.41 -0.84
CA GLU A 745 -8.14 36.67 -0.51
C GLU A 745 -7.74 35.29 0.04
N THR A 746 -8.51 34.80 1.00
CA THR A 746 -8.45 33.38 1.35
C THR A 746 -9.83 32.82 1.55
N VAL A 747 -10.00 31.54 1.15
CA VAL A 747 -11.17 30.69 1.43
C VAL A 747 -10.82 29.39 2.11
N VAL A 748 -11.64 28.94 3.06
CA VAL A 748 -11.44 27.61 3.66
C VAL A 748 -12.66 26.68 3.56
N SER A 749 -12.56 25.58 2.81
CA SER A 749 -13.63 24.62 2.73
C SER A 749 -13.93 23.99 4.07
N ARG A 750 -15.21 23.59 4.24
CA ARG A 750 -15.66 22.76 5.37
C ARG A 750 -16.82 21.89 4.97
N TRP A 751 -16.47 20.77 4.38
CA TRP A 751 -17.41 19.99 3.63
C TRP A 751 -18.27 19.19 4.55
N ARG A 752 -17.73 18.86 5.70
CA ARG A 752 -18.53 18.06 6.63
C ARG A 752 -19.61 18.90 7.30
N ALA A 753 -19.32 20.19 7.42
CA ALA A 753 -20.25 21.09 8.07
C ALA A 753 -21.29 21.53 7.08
N ASP A 754 -20.94 21.50 5.81
CA ASP A 754 -21.87 21.86 4.76
C ASP A 754 -23.04 20.95 4.89
N PRO A 755 -24.21 21.50 5.22
CA PRO A 755 -25.31 20.61 5.52
C PRO A 755 -25.99 19.99 4.24
N TRP A 756 -25.66 20.52 3.06
CA TRP A 756 -26.10 19.92 1.83
C TRP A 756 -25.14 18.88 1.29
N ALA A 757 -24.20 18.44 2.11
CA ALA A 757 -23.13 17.59 1.65
C ALA A 757 -22.72 16.67 2.76
N ARG A 758 -22.31 17.22 3.87
CA ARG A 758 -22.06 16.42 5.09
C ARG A 758 -20.89 15.50 4.92
N GLY A 759 -19.98 15.96 4.07
CA GLY A 759 -18.73 15.29 3.81
C GLY A 759 -18.30 15.52 2.37
N SER A 760 -17.29 14.77 1.92
CA SER A 760 -16.73 14.98 0.55
C SER A 760 -17.16 13.87 -0.43
N TYR A 761 -17.00 12.61 -0.05
CA TYR A 761 -17.33 11.49 -0.92
C TYR A 761 -17.20 10.14 -0.30
N SER A 762 -17.83 9.17 -0.94
CA SER A 762 -17.96 7.90 -0.31
C SER A 762 -16.67 7.08 -0.39
N TYR A 763 -16.65 6.03 0.44
CA TYR A 763 -15.58 5.13 0.53
C TYR A 763 -16.09 3.82 1.07
N VAL A 764 -15.25 2.81 0.94
CA VAL A 764 -15.67 1.44 1.21
C VAL A 764 -15.19 1.22 2.56
N ALA A 765 -16.03 1.56 3.50
CA ALA A 765 -15.66 1.43 4.90
C ALA A 765 -15.45 -0.03 5.16
N ALA A 766 -14.62 -0.30 6.16
CA ALA A 766 -14.44 -1.67 6.55
C ALA A 766 -15.82 -2.12 7.02
N GLY A 767 -16.17 -3.32 6.70
CA GLY A 767 -17.53 -3.75 6.91
C GLY A 767 -18.42 -3.76 5.69
N SER A 768 -18.02 -3.05 4.64
CA SER A 768 -18.80 -2.85 3.42
C SER A 768 -18.04 -3.52 2.26
N SER A 769 -18.64 -3.52 1.10
CA SER A 769 -18.05 -3.91 -0.15
C SER A 769 -18.65 -3.03 -1.23
N GLY A 770 -18.27 -3.31 -2.44
CA GLY A 770 -18.76 -2.56 -3.57
C GLY A 770 -20.13 -3.08 -3.81
N ASN A 771 -20.52 -4.18 -3.16
CA ASN A 771 -21.86 -4.60 -3.32
C ASN A 771 -22.87 -3.59 -2.75
N ASP A 772 -22.48 -2.84 -1.73
CA ASP A 772 -23.29 -1.78 -1.17
C ASP A 772 -23.56 -0.64 -2.14
N TYR A 773 -22.59 -0.30 -3.00
CA TYR A 773 -22.87 0.67 -4.05
C TYR A 773 -24.07 0.24 -4.99
N ASP A 774 -24.23 -1.08 -5.14
CA ASP A 774 -25.26 -1.55 -6.01
C ASP A 774 -26.61 -1.49 -5.31
N LEU A 775 -26.71 -2.12 -4.16
CA LEU A 775 -27.79 -1.82 -3.25
C LEU A 775 -28.20 -0.31 -3.20
N MET A 776 -27.23 0.59 -3.08
CA MET A 776 -27.59 2.00 -3.09
C MET A 776 -28.27 2.39 -4.36
N ALA A 777 -28.01 1.71 -5.48
CA ALA A 777 -28.62 2.16 -6.74
C ALA A 777 -29.99 1.53 -7.10
N GLN A 778 -30.38 0.50 -6.36
CA GLN A 778 -31.58 -0.19 -6.65
C GLN A 778 -32.78 0.75 -6.35
N PRO A 779 -33.69 0.91 -7.32
CA PRO A 779 -34.91 1.65 -7.02
C PRO A 779 -35.81 1.04 -5.95
N ILE A 780 -36.72 1.84 -5.38
CA ILE A 780 -37.75 1.34 -4.43
C ILE A 780 -39.15 1.28 -5.08
N THR A 781 -39.87 0.23 -4.71
CA THR A 781 -41.17 -0.02 -5.26
C THR A 781 -42.13 -0.10 -4.10
N PRO A 782 -42.97 0.93 -3.95
CA PRO A 782 -43.94 0.95 -2.86
C PRO A 782 -44.97 -0.13 -2.98
N GLY A 783 -45.46 -0.62 -1.86
CA GLY A 783 -46.62 -1.52 -1.85
C GLY A 783 -47.86 -0.94 -2.47
N PRO A 784 -48.84 -1.81 -2.68
CA PRO A 784 -50.14 -1.31 -3.31
C PRO A 784 -51.00 -0.45 -2.31
N SER A 785 -51.75 0.56 -2.81
CA SER A 785 -52.63 1.44 -1.97
C SER A 785 -53.83 0.55 -1.55
N ILE A 786 -54.59 0.01 -2.52
CA ILE A 786 -55.73 -0.89 -2.24
C ILE A 786 -55.20 -2.31 -1.94
N PRO A 787 -55.70 -3.04 -0.92
CA PRO A 787 -55.01 -4.36 -0.70
C PRO A 787 -55.36 -5.37 -1.81
N GLY A 788 -54.40 -6.27 -2.07
CA GLY A 788 -54.52 -7.17 -3.22
C GLY A 788 -54.62 -6.59 -4.63
N ALA A 789 -54.42 -5.30 -4.84
CA ALA A 789 -54.15 -4.79 -6.18
C ALA A 789 -52.71 -5.13 -6.52
N PRO A 790 -52.41 -5.14 -7.81
CA PRO A 790 -51.16 -5.72 -8.18
C PRO A 790 -50.02 -4.77 -7.99
N GLN A 791 -48.84 -5.41 -8.07
CA GLN A 791 -47.51 -4.80 -7.89
C GLN A 791 -47.22 -3.43 -8.61
N PRO A 792 -47.00 -2.41 -7.80
CA PRO A 792 -46.71 -1.24 -8.71
C PRO A 792 -45.27 -1.49 -9.26
N ILE A 793 -45.08 -1.07 -10.48
CA ILE A 793 -44.01 -0.20 -10.80
C ILE A 793 -43.18 0.58 -9.65
N PRO A 794 -41.87 0.75 -9.88
CA PRO A 794 -41.00 1.40 -8.98
C PRO A 794 -41.11 2.95 -9.10
N ARG A 795 -40.92 3.62 -7.97
CA ARG A 795 -41.24 5.06 -7.88
C ARG A 795 -40.10 5.95 -7.51
N LEU A 796 -39.19 5.40 -6.71
CA LEU A 796 -38.09 6.16 -6.11
C LEU A 796 -36.78 5.55 -6.56
N PHE A 797 -36.06 6.33 -7.32
CA PHE A 797 -34.81 6.02 -7.97
C PHE A 797 -33.63 6.76 -7.31
N PHE A 798 -32.42 6.25 -7.51
CA PHE A 798 -31.26 6.84 -6.87
C PHE A 798 -30.09 6.99 -7.80
N ALA A 799 -29.46 8.14 -7.71
CA ALA A 799 -28.26 8.40 -8.44
C ALA A 799 -27.32 9.20 -7.58
N GLY A 800 -26.20 9.58 -8.18
CA GLY A 800 -25.07 10.12 -7.47
C GLY A 800 -23.92 9.18 -7.23
N GLU A 801 -22.78 9.80 -6.83
CA GLU A 801 -21.46 9.15 -6.74
C GLU A 801 -21.43 7.89 -5.90
N HIS A 802 -22.30 7.82 -4.93
CA HIS A 802 -22.37 6.75 -3.95
C HIS A 802 -23.23 5.63 -4.52
N THR A 803 -23.65 5.69 -5.78
CA THR A 803 -24.53 4.64 -6.35
C THR A 803 -23.85 3.91 -7.53
N ILE A 804 -22.62 4.27 -7.86
CA ILE A 804 -21.96 3.67 -9.01
C ILE A 804 -20.68 2.95 -8.56
N ARG A 805 -20.81 1.65 -8.45
CA ARG A 805 -19.74 0.80 -7.98
C ARG A 805 -18.44 0.89 -8.76
N ASN A 806 -18.48 1.07 -10.05
CA ASN A 806 -17.21 1.03 -10.75
C ASN A 806 -16.54 2.37 -10.81
N TYR A 807 -17.26 3.44 -10.43
CA TYR A 807 -16.69 4.80 -10.55
C TYR A 807 -17.10 5.72 -9.44
N PRO A 808 -16.97 5.22 -8.21
CA PRO A 808 -17.30 6.07 -7.10
C PRO A 808 -16.42 7.22 -6.92
N ALA A 809 -16.96 8.08 -6.09
CA ALA A 809 -16.30 9.27 -5.64
C ALA A 809 -15.66 10.18 -6.67
N THR A 810 -16.25 10.21 -7.85
CA THR A 810 -15.80 11.12 -8.92
C THR A 810 -16.95 11.88 -9.59
N VAL A 811 -16.61 12.87 -10.39
CA VAL A 811 -17.54 13.56 -11.21
C VAL A 811 -17.95 12.69 -12.37
N HIS A 812 -17.07 11.93 -12.96
CA HIS A 812 -17.49 11.09 -14.09
C HIS A 812 -18.49 10.04 -13.58
N GLY A 813 -18.34 9.57 -12.37
CA GLY A 813 -19.21 8.53 -11.92
C GLY A 813 -20.54 9.11 -11.51
N ALA A 814 -20.57 10.35 -11.05
CA ALA A 814 -21.86 10.98 -10.78
C ALA A 814 -22.66 11.08 -12.08
N LEU A 815 -22.01 11.67 -13.06
CA LEU A 815 -22.56 11.76 -14.40
C LEU A 815 -23.02 10.44 -14.95
N LEU A 816 -22.29 9.39 -14.72
CA LEU A 816 -22.71 8.13 -15.30
C LEU A 816 -23.92 7.64 -14.58
N SER A 817 -23.96 7.82 -13.26
CA SER A 817 -25.10 7.36 -12.47
C SER A 817 -26.41 8.03 -12.95
N GLY A 818 -26.35 9.32 -13.25
CA GLY A 818 -27.53 10.02 -13.78
C GLY A 818 -27.97 9.50 -15.13
N LEU A 819 -27.02 9.38 -16.03
CA LEU A 819 -27.29 8.75 -17.32
C LEU A 819 -28.05 7.42 -17.20
N ARG A 820 -27.54 6.63 -16.27
CA ARG A 820 -28.04 5.33 -15.97
C ARG A 820 -29.50 5.43 -15.57
N GLU A 821 -29.80 6.33 -14.65
CA GLU A 821 -31.11 6.32 -14.00
C GLU A 821 -32.09 6.86 -15.03
N ALA A 822 -31.63 7.86 -15.77
CA ALA A 822 -32.46 8.37 -16.80
C ALA A 822 -32.87 7.24 -17.78
N GLY A 823 -31.99 6.34 -18.03
CA GLY A 823 -32.31 5.23 -18.89
C GLY A 823 -33.26 4.34 -18.18
N ARG A 824 -33.11 4.18 -16.89
CA ARG A 824 -33.94 3.20 -16.14
C ARG A 824 -35.39 3.68 -16.07
N ILE A 825 -35.54 5.01 -16.06
CA ILE A 825 -36.80 5.68 -15.76
C ILE A 825 -37.52 5.74 -17.02
N ALA A 826 -36.93 6.31 -18.03
CA ALA A 826 -37.45 6.13 -19.38
C ALA A 826 -37.82 4.66 -19.75
N ASP A 827 -37.00 3.63 -19.46
CA ASP A 827 -37.47 2.26 -19.75
C ASP A 827 -38.78 2.08 -19.01
N GLN A 828 -38.82 2.46 -17.75
CA GLN A 828 -39.99 2.19 -16.95
C GLN A 828 -41.22 2.93 -17.36
N PHE A 829 -41.17 4.12 -17.94
CA PHE A 829 -42.36 5.04 -18.02
C PHE A 829 -42.74 5.37 -19.47
N LEU A 830 -41.76 5.28 -20.33
CA LEU A 830 -41.94 5.35 -21.75
C LEU A 830 -41.87 3.94 -22.38
N GLY A 831 -41.44 2.90 -21.69
CA GLY A 831 -41.26 1.60 -22.34
C GLY A 831 -40.01 1.54 -23.22
N ALA A 832 -39.52 0.33 -23.39
CA ALA A 832 -38.31 0.05 -24.12
C ALA A 832 -38.62 -0.77 -25.37
N MET A 833 -39.09 -0.11 -26.43
CA MET A 833 -39.49 -0.86 -27.61
C MET A 833 -38.38 -1.79 -28.14
N TYR A 834 -37.18 -1.22 -28.20
CA TYR A 834 -35.96 -1.85 -28.68
C TYR A 834 -35.52 -3.18 -28.07
N THR A 835 -36.26 -3.72 -27.12
CA THR A 835 -35.84 -4.97 -26.53
C THR A 835 -36.55 -6.14 -27.14
N LEU A 836 -37.39 -5.88 -28.13
CA LEU A 836 -38.15 -6.91 -28.79
C LEU A 836 -37.56 -7.35 -30.10
N PRO A 837 -37.25 -8.63 -30.20
CA PRO A 837 -37.06 -9.34 -31.46
C PRO A 837 -38.09 -8.93 -32.50
N ARG B 311 1.20 -15.12 -4.28
CA ARG B 311 1.89 -16.20 -3.49
C ARG B 311 3.01 -15.66 -2.59
N LYS B 312 3.74 -14.69 -3.10
CA LYS B 312 4.99 -14.24 -2.48
C LYS B 312 4.82 -12.83 -1.90
N PRO B 313 5.16 -12.63 -0.63
CA PRO B 313 5.27 -11.25 -0.06
C PRO B 313 6.27 -10.48 -0.83
N PRO B 314 6.27 -9.14 -0.73
CA PRO B 314 7.39 -8.40 -1.38
C PRO B 314 8.72 -8.88 -0.81
N LYS B 315 9.81 -8.69 -1.55
CA LYS B 315 11.07 -9.38 -1.22
C LYS B 315 11.67 -8.71 0.00
N GLY B 316 11.88 -9.47 1.09
CA GLY B 316 12.38 -8.88 2.33
C GLY B 316 11.38 -8.36 3.37
N MET B 317 10.11 -8.14 2.99
CA MET B 317 9.00 -8.07 3.99
C MET B 317 8.84 -9.46 4.60
N PHE B 318 8.63 -9.53 5.92
CA PHE B 318 8.47 -10.85 6.53
C PHE B 318 7.09 -10.95 7.11
N LEU B 319 6.35 -12.01 6.75
CA LEU B 319 4.92 -12.15 7.15
C LEU B 319 4.53 -13.59 7.30
N SER B 320 4.90 -14.17 8.43
CA SER B 320 4.56 -15.57 8.66
C SER B 320 3.10 -15.61 9.08
N GLN B 321 2.36 -16.67 8.75
CA GLN B 321 1.08 -16.85 9.44
C GLN B 321 1.20 -16.69 10.99
N GLU B 322 2.10 -17.51 11.53
CA GLU B 322 2.30 -17.71 12.98
C GLU B 322 2.55 -16.37 13.70
N ASP B 323 3.45 -15.59 13.10
CA ASP B 323 3.80 -14.23 13.55
C ASP B 323 2.63 -13.27 13.67
N VAL B 324 1.76 -13.31 12.65
CA VAL B 324 0.64 -12.38 12.54
C VAL B 324 -0.32 -12.58 13.70
N GLU B 325 -0.72 -13.84 13.88
CA GLU B 325 -1.63 -14.23 14.99
C GLU B 325 -1.11 -13.76 16.37
N ALA B 326 0.21 -13.68 16.48
CA ALA B 326 0.90 -13.19 17.68
C ALA B 326 0.85 -11.67 17.90
N VAL B 327 1.05 -10.89 16.85
CA VAL B 327 1.00 -9.43 16.99
C VAL B 327 -0.43 -8.84 17.04
N SER B 328 -1.41 -9.68 16.72
CA SER B 328 -2.80 -9.28 16.70
C SER B 328 -3.64 -9.76 17.93
N ALA B 329 -3.49 -11.01 18.40
CA ALA B 329 -4.42 -11.62 19.40
C ALA B 329 -4.57 -10.94 20.82
N ASN B 330 -4.34 -9.63 20.92
CA ASN B 330 -4.52 -8.82 22.15
C ASN B 330 -4.21 -7.34 21.72
N ALA B 331 -4.72 -6.33 22.44
CA ALA B 331 -4.57 -4.88 22.03
C ALA B 331 -3.14 -4.36 22.10
N THR B 332 -2.33 -5.06 22.90
CA THR B 332 -0.93 -4.73 23.19
C THR B 332 0.09 -5.88 22.93
N ALA B 333 -0.36 -7.06 22.50
CA ALA B 333 0.53 -8.21 22.16
C ALA B 333 1.70 -7.84 21.26
N ALA B 334 1.55 -6.80 20.46
CA ALA B 334 2.66 -6.24 19.74
C ALA B 334 3.71 -5.81 20.70
N THR B 335 3.31 -4.96 21.64
CA THR B 335 4.20 -4.38 22.66
C THR B 335 4.88 -5.46 23.56
N THR B 336 4.13 -6.43 24.06
CA THR B 336 4.71 -7.66 24.59
C THR B 336 5.86 -8.26 23.73
N VAL B 337 5.52 -8.81 22.56
CA VAL B 337 6.50 -9.40 21.67
C VAL B 337 7.77 -8.54 21.45
N LEU B 338 7.60 -7.23 21.31
CA LEU B 338 8.70 -6.33 21.01
C LEU B 338 9.53 -5.84 22.19
N ARG B 339 8.95 -5.82 23.40
CA ARG B 339 9.75 -5.61 24.62
C ARG B 339 10.48 -6.94 24.89
N GLN B 340 9.79 -8.09 24.79
CA GLN B 340 10.44 -9.38 25.05
C GLN B 340 11.65 -9.66 24.19
N LEU B 341 11.65 -9.21 22.95
CA LEU B 341 12.82 -9.35 22.12
C LEU B 341 13.86 -8.31 22.57
N ASP B 342 13.44 -7.09 22.84
CA ASP B 342 14.31 -6.04 23.37
C ASP B 342 15.04 -6.48 24.65
N MET B 343 14.40 -7.31 25.48
CA MET B 343 14.98 -7.77 26.73
C MET B 343 16.03 -8.75 26.34
N GLU B 344 15.63 -9.91 25.82
CA GLU B 344 16.56 -10.90 25.26
C GLU B 344 17.76 -10.26 24.48
N LEU B 345 17.55 -9.20 23.73
CA LEU B 345 18.66 -8.55 23.02
C LEU B 345 19.70 -8.01 24.03
N VAL B 346 19.24 -7.27 25.03
CA VAL B 346 20.08 -6.78 26.16
C VAL B 346 20.85 -7.93 26.93
N SER B 347 20.16 -9.03 27.30
CA SER B 347 20.80 -10.22 27.87
C SER B 347 22.01 -10.64 27.07
N VAL B 348 21.75 -10.99 25.83
CA VAL B 348 22.77 -11.45 24.91
C VAL B 348 23.89 -10.39 24.73
N LYS B 349 23.60 -9.10 24.82
CA LYS B 349 24.66 -8.08 24.71
C LYS B 349 25.47 -8.01 26.00
N ARG B 350 24.85 -8.28 27.13
CA ARG B 350 25.56 -8.41 28.40
C ARG B 350 26.42 -9.64 28.43
N GLN B 351 25.82 -10.78 28.15
CA GLN B 351 26.58 -12.00 28.13
C GLN B 351 27.85 -11.92 27.24
N ILE B 352 27.77 -11.12 26.18
CA ILE B 352 28.95 -10.79 25.40
C ILE B 352 29.94 -10.03 26.25
N GLN B 353 29.52 -8.98 26.96
CA GLN B 353 30.40 -8.24 27.85
C GLN B 353 31.17 -9.16 28.83
N ASN B 354 30.48 -10.15 29.45
CA ASN B 354 31.14 -11.12 30.33
C ASN B 354 32.26 -11.82 29.66
N ILE B 355 31.95 -12.42 28.53
CA ILE B 355 32.92 -13.27 27.89
C ILE B 355 34.09 -12.47 27.31
N LYS B 356 33.86 -11.23 26.88
CA LYS B 356 34.96 -10.36 26.47
C LYS B 356 35.91 -10.18 27.64
N GLN B 357 35.38 -9.88 28.83
CA GLN B 357 36.21 -9.60 30.02
C GLN B 357 36.99 -10.86 30.50
N THR B 358 36.31 -11.98 30.69
CA THR B 358 36.94 -13.28 30.75
C THR B 358 38.02 -13.50 29.69
N ASN B 359 37.67 -13.36 28.41
CA ASN B 359 38.67 -13.67 27.34
C ASN B 359 39.89 -12.73 27.38
N SER B 360 39.70 -11.53 27.86
CA SER B 360 40.75 -10.57 27.89
C SER B 360 41.69 -10.91 29.05
N ALA B 361 41.15 -11.43 30.14
CA ALA B 361 41.94 -11.84 31.29
C ALA B 361 42.76 -13.09 30.89
N LEU B 362 42.11 -14.12 30.36
CA LEU B 362 42.88 -15.23 29.80
C LEU B 362 43.99 -14.85 28.79
N LYS B 363 43.87 -13.71 28.16
CA LYS B 363 44.86 -13.37 27.17
C LYS B 363 46.03 -12.77 27.89
N GLU B 364 45.75 -12.07 29.00
CA GLU B 364 46.80 -11.57 29.89
C GLU B 364 47.64 -12.73 30.44
N LYS B 365 47.04 -13.80 30.96
CA LYS B 365 47.81 -15.02 31.33
C LYS B 365 48.69 -15.64 30.20
N LEU B 366 48.28 -15.68 28.96
CA LEU B 366 49.21 -16.14 27.90
C LEU B 366 50.34 -15.15 27.52
N ASP B 367 50.40 -13.98 28.14
CA ASP B 367 51.17 -12.91 27.52
C ASP B 367 52.64 -13.23 27.59
N GLY B 368 53.27 -13.30 26.41
CA GLY B 368 54.65 -13.75 26.21
C GLY B 368 54.71 -14.90 25.21
N GLY B 369 53.56 -15.51 24.97
CA GLY B 369 53.50 -16.69 24.15
C GLY B 369 54.22 -17.77 24.90
N ILE B 370 54.86 -18.63 24.13
CA ILE B 370 55.70 -19.69 24.68
C ILE B 370 57.13 -19.59 24.13
N GLU B 371 57.59 -18.37 23.85
CA GLU B 371 58.88 -18.22 23.15
C GLU B 371 60.02 -18.64 24.07
N PRO B 372 60.06 -18.12 25.32
CA PRO B 372 60.99 -18.66 26.32
C PRO B 372 61.11 -20.19 26.49
N TYR B 373 60.29 -21.03 25.87
CA TYR B 373 60.31 -22.47 26.19
C TYR B 373 60.50 -23.41 25.03
N ARG B 374 60.66 -22.89 23.81
CA ARG B 374 60.71 -23.80 22.66
C ARG B 374 62.14 -24.29 22.53
N LEU B 375 62.29 -25.53 22.16
CA LEU B 375 63.63 -26.01 21.99
C LEU B 375 63.77 -26.27 20.53
N PRO B 376 64.95 -25.90 19.96
CA PRO B 376 65.30 -26.26 18.56
C PRO B 376 65.12 -27.76 18.30
N GLU B 377 64.86 -28.16 17.06
CA GLU B 377 64.51 -29.56 16.75
C GLU B 377 65.69 -30.33 16.12
N VAL B 378 65.73 -31.64 16.46
CA VAL B 378 66.71 -32.62 15.92
C VAL B 378 66.44 -32.78 14.39
N ILE B 379 67.05 -31.95 13.51
CA ILE B 379 67.03 -32.25 12.03
C ILE B 379 68.02 -33.42 11.80
N GLN B 380 67.55 -34.64 11.49
CA GLN B 380 68.47 -35.81 11.40
C GLN B 380 68.03 -36.83 10.33
N LYS B 381 68.95 -37.17 9.43
CA LYS B 381 68.67 -38.14 8.36
C LYS B 381 68.49 -39.54 8.94
N CYS B 382 67.48 -40.28 8.53
CA CYS B 382 67.35 -41.73 8.87
C CYS B 382 68.61 -42.60 8.66
N ASN B 383 68.60 -43.85 9.14
CA ASN B 383 69.78 -44.73 9.08
C ASN B 383 69.40 -46.22 9.04
N ALA B 384 70.05 -46.99 8.17
CA ALA B 384 69.78 -48.44 8.05
C ALA B 384 70.05 -49.09 9.37
N ARG B 385 71.19 -48.73 9.97
CA ARG B 385 71.72 -49.36 11.17
C ARG B 385 71.18 -48.85 12.50
N TRP B 386 70.66 -49.81 13.26
CA TRP B 386 70.40 -49.68 14.69
C TRP B 386 71.67 -49.83 15.54
N THR B 387 72.12 -48.73 16.17
CA THR B 387 73.12 -48.84 17.24
C THR B 387 72.49 -49.46 18.53
N THR B 388 73.33 -49.99 19.40
CA THR B 388 72.82 -50.40 20.71
C THR B 388 72.12 -49.20 21.43
N GLU B 389 72.67 -47.97 21.32
CA GLU B 389 72.00 -46.79 21.93
C GLU B 389 70.55 -46.73 21.46
N GLU B 390 70.45 -46.83 20.15
CA GLU B 390 69.23 -46.67 19.43
C GLU B 390 68.26 -47.79 19.87
N GLN B 391 68.73 -49.03 19.92
CA GLN B 391 67.83 -50.07 20.42
C GLN B 391 67.30 -49.85 21.80
N LEU B 392 68.12 -49.21 22.64
CA LEU B 392 67.76 -49.04 24.05
C LEU B 392 66.82 -47.88 24.26
N LEU B 393 67.10 -46.77 23.60
CA LEU B 393 66.08 -45.75 23.41
C LEU B 393 64.69 -46.36 22.97
N ALA B 394 64.70 -47.19 21.94
CA ALA B 394 63.49 -47.74 21.40
C ALA B 394 62.74 -48.51 22.44
N VAL B 395 63.36 -49.54 23.03
CA VAL B 395 62.63 -50.27 24.09
C VAL B 395 62.00 -49.34 25.14
N GLN B 396 62.61 -48.19 25.38
CA GLN B 396 62.16 -47.33 26.44
C GLN B 396 61.00 -46.49 26.02
N ALA B 397 61.13 -45.95 24.81
CA ALA B 397 60.02 -45.31 24.08
C ALA B 397 58.75 -46.21 23.97
N ILE B 398 58.98 -47.47 23.65
CA ILE B 398 57.88 -48.43 23.64
C ILE B 398 57.27 -48.39 25.01
N ARG B 399 58.07 -48.54 26.05
CA ARG B 399 57.51 -48.56 27.42
C ARG B 399 56.68 -47.31 27.80
N LYS B 400 57.00 -46.15 27.23
CA LYS B 400 56.35 -44.91 27.57
C LYS B 400 55.18 -44.60 26.66
N TYR B 401 55.33 -44.98 25.40
CA TYR B 401 54.45 -44.52 24.38
C TYR B 401 53.56 -45.59 23.74
N GLY B 402 53.56 -46.82 24.23
CA GLY B 402 52.94 -47.99 23.54
C GLY B 402 53.20 -48.08 22.03
N ARG B 403 52.10 -48.10 21.24
CA ARG B 403 52.16 -48.18 19.77
C ARG B 403 52.41 -46.86 19.02
N ASP B 404 52.34 -45.71 19.69
CA ASP B 404 52.56 -44.40 18.99
C ASP B 404 53.92 -44.27 18.23
N PHE B 405 53.99 -44.80 17.01
CA PHE B 405 55.29 -45.02 16.35
C PHE B 405 55.99 -43.71 16.00
N GLN B 406 55.22 -42.63 15.90
CA GLN B 406 55.73 -41.39 15.34
C GLN B 406 56.51 -40.68 16.43
N ALA B 407 56.00 -40.83 17.66
CA ALA B 407 56.68 -40.37 18.86
C ALA B 407 58.00 -41.11 18.95
N ILE B 408 57.91 -42.44 18.96
CA ILE B 408 59.13 -43.23 18.99
C ILE B 408 60.22 -42.79 17.97
N SER B 409 59.84 -42.54 16.73
CA SER B 409 60.80 -42.01 15.76
C SER B 409 61.30 -40.62 16.04
N ASP B 410 60.57 -39.84 16.84
CA ASP B 410 61.02 -38.50 17.19
C ASP B 410 62.13 -38.68 18.22
N VAL B 411 61.81 -39.43 19.28
CA VAL B 411 62.73 -39.76 20.40
C VAL B 411 64.07 -40.33 19.95
N ILE B 412 64.02 -41.38 19.13
CA ILE B 412 65.22 -41.99 18.57
C ILE B 412 66.00 -41.09 17.60
N GLY B 413 65.27 -40.39 16.72
CA GLY B 413 65.76 -39.24 15.90
C GLY B 413 66.57 -39.50 14.62
N ASN B 414 66.90 -40.77 14.39
CA ASN B 414 67.63 -41.30 13.23
C ASN B 414 66.82 -42.46 12.73
N LYS B 415 65.53 -42.47 13.00
CA LYS B 415 64.69 -43.57 12.49
C LYS B 415 63.35 -43.05 11.99
N SER B 416 62.99 -43.59 10.84
CA SER B 416 61.67 -43.51 10.26
C SER B 416 60.75 -44.52 10.91
N VAL B 417 59.49 -44.20 10.71
CA VAL B 417 58.36 -44.86 11.35
C VAL B 417 58.20 -46.33 10.87
N VAL B 418 58.76 -46.57 9.69
CA VAL B 418 58.71 -47.86 9.06
C VAL B 418 59.71 -48.71 9.83
N GLN B 419 60.94 -48.17 9.92
CA GLN B 419 62.10 -48.83 10.55
C GLN B 419 61.68 -49.28 11.95
N VAL B 420 61.02 -48.31 12.65
CA VAL B 420 60.42 -48.56 13.96
C VAL B 420 59.48 -49.76 13.97
N LYS B 421 58.54 -49.74 13.01
CA LYS B 421 57.52 -50.77 12.90
C LYS B 421 58.14 -52.16 12.65
N ASN B 422 59.11 -52.22 11.72
CA ASN B 422 59.95 -53.45 11.53
C ASN B 422 60.65 -53.89 12.83
N PHE B 423 61.22 -52.91 13.51
CA PHE B 423 61.86 -53.11 14.80
C PHE B 423 60.97 -53.94 15.73
N PHE B 424 59.67 -53.56 15.82
CA PHE B 424 58.73 -54.32 16.70
C PHE B 424 58.66 -55.78 16.33
N VAL B 425 58.95 -56.04 15.05
CA VAL B 425 58.79 -57.35 14.48
C VAL B 425 60.10 -58.12 14.64
N ASN B 426 61.23 -57.58 14.19
CA ASN B 426 62.55 -58.29 14.34
C ASN B 426 62.94 -58.69 15.83
N TYR B 427 62.86 -57.67 16.65
CA TYR B 427 63.32 -57.80 17.98
C TYR B 427 62.20 -58.31 18.88
N ARG B 428 60.99 -58.50 18.35
CA ARG B 428 59.87 -58.87 19.22
C ARG B 428 60.29 -59.91 20.23
N ARG B 429 60.94 -60.97 19.78
CA ARG B 429 61.27 -62.11 20.66
C ARG B 429 62.39 -61.74 21.68
N ARG B 430 63.50 -61.19 21.20
CA ARG B 430 64.68 -60.87 22.05
C ARG B 430 64.47 -59.69 23.06
N PHE B 431 63.80 -58.62 22.65
CA PHE B 431 63.41 -57.52 23.55
C PHE B 431 62.03 -57.64 24.25
N ASN B 432 61.60 -58.87 24.53
CA ASN B 432 60.24 -59.18 24.93
C ASN B 432 59.24 -58.02 24.79
N ILE B 433 59.00 -57.61 23.54
CA ILE B 433 58.21 -56.43 23.23
C ILE B 433 56.72 -56.55 23.62
N ASP B 434 56.25 -57.80 23.61
CA ASP B 434 54.94 -58.16 24.09
C ASP B 434 54.81 -57.67 25.53
N GLU B 435 55.72 -58.21 26.36
CA GLU B 435 55.83 -57.86 27.78
C GLU B 435 55.88 -56.35 27.97
N VAL B 436 56.66 -55.68 27.14
CA VAL B 436 56.80 -54.23 27.29
C VAL B 436 55.46 -53.59 27.10
N LEU B 437 54.84 -53.89 25.97
CA LEU B 437 53.50 -53.40 25.71
C LEU B 437 52.44 -53.72 26.78
N GLN B 438 52.46 -54.97 27.29
CA GLN B 438 51.59 -55.35 28.43
C GLN B 438 51.72 -54.38 29.61
N GLU B 439 52.94 -53.91 29.85
CA GLU B 439 53.21 -52.95 30.91
C GLU B 439 52.70 -51.55 30.59
N TRP B 440 52.84 -51.11 29.34
CA TRP B 440 52.29 -49.79 28.96
C TRP B 440 50.76 -49.73 29.00
N GLU B 441 50.15 -50.81 28.47
CA GLU B 441 48.68 -51.04 28.53
C GLU B 441 48.22 -51.02 29.99
N ALA B 442 48.79 -51.93 30.79
CA ALA B 442 48.41 -52.05 32.21
C ALA B 442 48.45 -50.73 32.96
N GLU B 443 49.16 -49.73 32.46
CA GLU B 443 49.18 -48.40 33.05
C GLU B 443 48.11 -47.48 32.45
N HIS B 444 47.95 -47.39 31.13
CA HIS B 444 47.09 -46.34 30.51
C HIS B 444 45.61 -46.69 30.18
#